data_5M7M
#
_entry.id   5M7M
#
_cell.length_a   77.450
_cell.length_b   78.890
_cell.length_c   78.570
_cell.angle_alpha   90.00
_cell.angle_beta   91.87
_cell.angle_gamma   90.00
#
_symmetry.space_group_name_H-M   'P 1 21 1'
#
loop_
_entity.id
_entity.type
_entity.pdbx_description
1 polymer 'Ectonucleotide pyrophosphatase/phosphodiesterase family member 2'
2 branched alpha-D-mannopyranose-(1-2)-alpha-D-mannopyranose-(1-3)-alpha-D-mannopyranose-(1-6)-beta-D-mannopyranose-(1-4)-2-acetamido-2-deoxy-beta-D-glucopyranose-(1-4)-2-acetamido-2-deoxy-beta-D-glucopyranose
3 non-polymer ~{N}-[6-[1-[3-(dimethylamino)propylsulfonyl]piperidin-4-yl]-2-ethyl-imidazo[1,2-a]pyridin-3-yl]-4-(4-fluorophenyl)-~{N}-methyl-1,3-thiazol-2-amine
4 non-polymer 'IODIDE ION'
5 non-polymer 'CHLORIDE ION'
6 non-polymer 'THIOCYANATE ION'
7 non-polymer 'NICKEL (II) ION'
8 non-polymer 'PHOSPHATE ION'
9 non-polymer 'POTASSIUM ION'
10 non-polymer 'ZINC ION'
11 water water
#
_entity_poly.entity_id   1
_entity_poly.type   'polypeptide(L)'
_entity_poly.pdbx_seq_one_letter_code
;MARRSSFQSCQIISLFTFAVGVNICLGFTAHRIKRAEGWEEGPPTVLSDSPWTNISGSCKGRCFELQEAGPPDCRCDNLC
KSYTSCCHDFDELCLKTARGWECTKDRCGEVRNEENACHCSEDCLARGDCCTNYQVVCKGESHWVDDDCEEIKAAECPAG
FVRPPLIIFSVDGFRASYMKKGSKVMPNIEKLRSCGTHSPYMRPVYPTKTFPNLYTLATGLYPESHGIVGNSMYDPVFDA
TFHLRGREKFNHRWWGGQPLWITATKQGVKAGTFFWSVVIPHERRILTILQWLTLPDHERPSVYAFYSEQPDFSGHKYGP
FGPEMTNPLREIDKIVGQLMDGLKQLKLHRCVNVIFVGDHGMEDVTCDRTEFLSNYLTNVDDITLVPGTLGRIRSKFSNN
AKYDPKAIIANLTCKKPDQHFKPYLKQHLPKRLHYANNRRIEDIHLLVERRWHVARKPLDVYKKPSGKCFFQGDHGFDNK
VNSMQTVFVGYGPTFKYKTKVPPFENIELYNVMCDLLGLKPAPNNGTHGSLNHLLRTNTFRPTMPEEVTRPNYPGIMYLQ
SDFDLGCTCDDKNKLDELNKRLHTKGSTEERHLLYGRPAVLYRTRYDILYHTDFESGYSEIFLMPLWTSYTVSKQAEVSS
VPDHLTSCVRPDVRVSPSFSQNCLAYKNDKQMSYGFLFPPYLSSSPEAKYDAFLVTNMVPMYPAFKRVWNYFQRVLVKKY
ASERNGVNVISGPIFDYDYDGLHDTEDKIKQYVEGSSIPVPTHYYSIITSCLDFTQPADKCDGPLSVSSFILPHRPDNEE
SCNSSEDESKWVEELMKMHTARVRDIEHLTSLDFFRKTSRSYPEILTLKTYLHTYESEILVPRGSHHHHHH
;
_entity_poly.pdbx_strand_id   A
#
loop_
_chem_comp.id
_chem_comp.type
_chem_comp.name
_chem_comp.formula
7HR non-polymer ~{N}-[6-[1-[3-(dimethylamino)propylsulfonyl]piperidin-4-yl]-2-ethyl-imidazo[1,2-a]pyridin-3-yl]-4-(4-fluorophenyl)-~{N}-methyl-1,3-thiazol-2-amine 'C29 H37 F N6 O2 S2'
BMA D-saccharide, beta linking beta-D-mannopyranose 'C6 H12 O6'
CL non-polymer 'CHLORIDE ION' 'Cl -1'
IOD non-polymer 'IODIDE ION' 'I -1'
K non-polymer 'POTASSIUM ION' 'K 1'
MAN D-saccharide, alpha linking alpha-D-mannopyranose 'C6 H12 O6'
NAG D-saccharide, beta linking 2-acetamido-2-deoxy-beta-D-glucopyranose 'C8 H15 N O6'
NI non-polymer 'NICKEL (II) ION' 'Ni 2'
PO4 non-polymer 'PHOSPHATE ION' 'O4 P -3'
SCN non-polymer 'THIOCYANATE ION' 'C N S -1'
ZN non-polymer 'ZINC ION' 'Zn 2'
#
# COMPACT_ATOMS: atom_id res chain seq x y z
N GLY A 57 -29.33 23.60 25.54
CA GLY A 57 -30.68 23.99 25.02
C GLY A 57 -31.57 22.80 24.72
N SER A 58 -31.58 22.38 23.45
CA SER A 58 -32.32 21.20 23.01
C SER A 58 -31.96 20.78 21.58
N CYS A 59 -32.32 19.54 21.23
CA CYS A 59 -32.19 19.04 19.87
C CYS A 59 -33.56 18.95 19.23
N LYS A 60 -34.42 19.95 19.47
CA LYS A 60 -35.79 19.94 18.98
C LYS A 60 -35.99 19.44 17.55
N GLY A 61 -35.06 19.76 16.65
CA GLY A 61 -35.07 19.25 15.28
C GLY A 61 -33.69 19.36 14.64
N ARG A 62 -32.70 18.75 15.29
CA ARG A 62 -31.30 18.85 14.87
C ARG A 62 -30.51 17.57 15.14
N CYS A 63 -31.15 16.40 15.01
CA CYS A 63 -30.46 15.14 15.33
C CYS A 63 -29.37 14.85 14.29
N PHE A 64 -28.12 14.97 14.70
CA PHE A 64 -26.95 14.71 13.88
C PHE A 64 -26.71 15.83 12.87
N GLU A 65 -26.89 17.07 13.32
CA GLU A 65 -26.64 18.24 12.50
C GLU A 65 -25.17 18.28 12.08
N LEU A 66 -24.92 18.82 10.90
CA LEU A 66 -23.62 18.71 10.26
C LEU A 66 -22.89 20.04 10.34
N CYS A 74 -24.76 24.10 22.59
CA CYS A 74 -25.30 22.81 23.04
C CYS A 74 -25.34 21.77 21.93
N ARG A 75 -24.57 20.69 22.07
CA ARG A 75 -24.28 19.79 20.95
C ARG A 75 -25.27 18.67 20.76
N CYS A 76 -25.53 18.32 19.48
CA CYS A 76 -26.38 17.18 19.09
C CYS A 76 -25.78 16.37 17.90
N ASP A 77 -24.47 16.43 17.67
CA ASP A 77 -23.83 15.74 16.54
C ASP A 77 -23.21 14.37 16.92
N ASN A 78 -22.51 13.75 15.96
CA ASN A 78 -22.05 12.34 16.05
C ASN A 78 -21.03 12.03 17.14
N LEU A 79 -20.01 12.88 17.28
CA LEU A 79 -18.95 12.68 18.26
C LEU A 79 -19.33 13.09 19.69
N CYS A 80 -20.58 13.48 19.92
CA CYS A 80 -20.98 14.07 21.19
C CYS A 80 -21.02 13.07 22.39
N LYS A 81 -21.56 11.88 22.17
CA LYS A 81 -21.57 10.84 23.21
C LYS A 81 -20.20 10.19 23.43
N SER A 82 -19.13 10.93 23.12
CA SER A 82 -17.73 10.48 23.28
C SER A 82 -16.91 11.69 23.81
N TYR A 83 -16.54 11.64 25.09
CA TYR A 83 -15.90 12.75 25.84
C TYR A 83 -16.49 14.17 25.69
N THR A 84 -17.71 14.29 25.16
CA THR A 84 -18.41 15.57 25.15
C THR A 84 -19.58 15.40 26.10
N SER A 85 -20.24 16.50 26.47
CA SER A 85 -21.57 16.44 27.05
C SER A 85 -22.56 16.82 25.94
N CYS A 86 -23.60 16.02 25.76
CA CYS A 86 -24.60 16.25 24.72
C CYS A 86 -25.83 16.96 25.30
N CYS A 87 -26.68 17.55 24.47
CA CYS A 87 -27.87 18.20 24.99
C CYS A 87 -28.70 17.21 25.81
N HIS A 88 -29.30 17.70 26.91
CA HIS A 88 -30.03 16.88 27.89
C HIS A 88 -31.10 15.95 27.35
N ASP A 89 -31.69 16.31 26.21
CA ASP A 89 -32.78 15.55 25.58
C ASP A 89 -32.35 14.66 24.43
N PHE A 90 -31.03 14.56 24.23
CA PHE A 90 -30.48 13.91 23.06
C PHE A 90 -30.79 12.40 22.94
N ASP A 91 -31.06 11.72 24.05
CA ASP A 91 -31.49 10.32 23.98
C ASP A 91 -33.00 10.23 23.78
N GLU A 92 -33.71 11.17 24.39
CA GLU A 92 -35.15 11.28 24.18
C GLU A 92 -35.51 11.36 22.70
N LEU A 93 -34.83 12.25 21.98
CA LEU A 93 -35.16 12.58 20.58
C LEU A 93 -34.43 11.74 19.53
N CYS A 94 -33.11 11.60 19.72
CA CYS A 94 -32.24 11.08 18.68
C CYS A 94 -32.03 9.57 18.74
N LEU A 95 -31.90 9.01 19.93
CA LEU A 95 -31.72 7.57 20.06
C LEU A 95 -33.01 6.89 20.46
N LYS A 96 -34.12 7.29 19.84
CA LYS A 96 -35.36 6.53 19.95
C LYS A 96 -35.08 5.12 19.44
N THR A 97 -35.59 4.10 20.15
CA THR A 97 -35.40 2.70 19.71
C THR A 97 -36.65 1.83 19.97
N ALA A 98 -37.84 2.42 19.91
CA ALA A 98 -39.06 1.73 20.32
C ALA A 98 -39.71 0.93 19.18
N ARG A 99 -40.13 -0.29 19.49
CA ARG A 99 -40.70 -1.23 18.50
C ARG A 99 -39.72 -1.66 17.36
N GLY A 100 -38.41 -1.50 17.57
CA GLY A 100 -37.43 -2.02 16.63
C GLY A 100 -37.32 -1.27 15.31
N TRP A 101 -36.58 -1.87 14.38
CA TRP A 101 -36.16 -1.18 13.16
C TRP A 101 -36.90 -1.63 11.88
N GLU A 102 -37.32 -2.88 11.80
CA GLU A 102 -37.97 -3.43 10.59
C GLU A 102 -39.48 -3.41 10.78
N CYS A 103 -40.22 -2.90 9.79
CA CYS A 103 -41.69 -2.95 9.81
C CYS A 103 -42.22 -4.37 9.65
N THR A 104 -43.20 -4.70 10.48
CA THR A 104 -43.95 -5.92 10.38
C THR A 104 -45.36 -5.56 9.90
N LYS A 105 -46.09 -6.52 9.34
CA LYS A 105 -47.49 -6.31 8.87
C LYS A 105 -48.41 -5.73 9.97
N ASP A 106 -48.14 -6.11 11.22
CA ASP A 106 -48.83 -5.57 12.40
C ASP A 106 -49.06 -4.06 12.36
N ARG A 107 -48.08 -3.31 11.88
CA ARG A 107 -48.07 -1.85 12.02
C ARG A 107 -48.40 -1.10 10.74
N CYS A 108 -48.78 -1.79 9.68
CA CYS A 108 -48.78 -1.13 8.37
C CYS A 108 -49.72 0.05 8.25
N GLY A 109 -50.86 0.00 8.94
CA GLY A 109 -51.73 1.17 9.06
C GLY A 109 -51.11 2.17 10.03
N GLU A 110 -50.99 1.74 11.29
CA GLU A 110 -50.36 2.51 12.38
C GLU A 110 -50.37 4.01 12.20
N VAL A 111 -51.19 4.70 12.98
CA VAL A 111 -51.10 6.15 13.04
C VAL A 111 -49.74 6.47 13.66
N ARG A 112 -49.42 7.76 13.73
CA ARG A 112 -48.04 8.19 14.04
C ARG A 112 -47.70 8.20 15.53
N ASN A 113 -46.40 8.31 15.81
CA ASN A 113 -45.85 8.17 17.15
C ASN A 113 -44.36 8.59 17.20
N GLU A 114 -44.10 9.67 17.95
CA GLU A 114 -42.75 10.22 18.07
C GLU A 114 -41.78 9.27 18.80
N GLU A 115 -42.29 8.42 19.68
CA GLU A 115 -41.43 7.54 20.48
C GLU A 115 -40.78 6.36 19.71
N ASN A 116 -41.41 5.89 18.64
CA ASN A 116 -40.85 4.77 17.83
C ASN A 116 -39.50 5.04 17.14
N ALA A 117 -38.73 3.96 16.93
CA ALA A 117 -37.47 4.04 16.18
C ALA A 117 -37.67 4.63 14.79
N CYS A 118 -38.49 3.96 14.00
CA CYS A 118 -38.94 4.50 12.72
C CYS A 118 -40.46 4.33 12.61
N HIS A 119 -41.03 4.58 11.44
CA HIS A 119 -42.49 4.68 11.30
C HIS A 119 -43.05 3.83 10.15
N CYS A 120 -44.07 3.03 10.45
CA CYS A 120 -44.73 2.19 9.45
C CYS A 120 -46.04 2.81 8.99
N SER A 121 -46.09 4.14 8.93
CA SER A 121 -47.31 4.83 8.51
C SER A 121 -47.32 5.06 7.00
N GLU A 122 -48.50 5.33 6.48
CA GLU A 122 -48.69 5.67 5.06
C GLU A 122 -48.51 7.18 4.81
N ASP A 123 -47.67 7.83 5.63
CA ASP A 123 -47.23 9.21 5.39
C ASP A 123 -45.74 9.37 5.64
N CYS A 124 -45.05 8.27 5.90
CA CYS A 124 -43.67 8.32 6.40
C CYS A 124 -42.72 8.69 5.27
N LEU A 125 -43.05 8.22 4.06
CA LEU A 125 -42.27 8.54 2.85
C LEU A 125 -41.97 10.05 2.76
N ALA A 126 -43.01 10.87 2.95
CA ALA A 126 -42.88 12.33 2.93
C ALA A 126 -41.95 12.85 4.01
N ARG A 127 -42.05 12.29 5.22
CA ARG A 127 -41.12 12.63 6.30
C ARG A 127 -39.68 12.20 5.98
N GLY A 128 -39.54 11.01 5.39
CA GLY A 128 -38.22 10.40 5.14
C GLY A 128 -37.72 9.68 6.39
N ASP A 129 -38.66 9.39 7.30
CA ASP A 129 -38.40 8.71 8.57
C ASP A 129 -39.04 7.33 8.58
N CYS A 130 -39.19 6.70 7.41
CA CYS A 130 -39.69 5.31 7.33
C CYS A 130 -38.63 4.30 7.77
N CYS A 131 -39.09 3.14 8.19
CA CYS A 131 -38.23 2.00 8.33
C CYS A 131 -37.78 1.57 6.95
N THR A 132 -36.63 0.93 6.86
CA THR A 132 -36.04 0.68 5.55
C THR A 132 -36.92 -0.26 4.75
N ASN A 133 -37.64 -1.13 5.45
CA ASN A 133 -38.55 -2.09 4.81
C ASN A 133 -40.04 -1.65 4.64
N TYR A 134 -40.33 -0.34 4.72
CA TYR A 134 -41.72 0.15 4.59
C TYR A 134 -42.31 -0.19 3.23
N GLN A 135 -41.73 0.35 2.14
CA GLN A 135 -42.26 0.11 0.77
C GLN A 135 -42.36 -1.37 0.39
N VAL A 136 -41.66 -2.23 1.15
CA VAL A 136 -41.55 -3.65 0.85
C VAL A 136 -42.69 -4.42 1.47
N VAL A 137 -42.89 -4.20 2.76
CA VAL A 137 -43.85 -4.96 3.53
C VAL A 137 -45.24 -4.44 3.28
N CYS A 138 -45.40 -3.15 3.52
CA CYS A 138 -46.70 -2.52 3.48
C CYS A 138 -47.22 -2.21 2.07
N LYS A 139 -46.40 -1.64 1.19
CA LYS A 139 -46.85 -1.29 -0.17
C LYS A 139 -46.53 -2.36 -1.22
N GLY A 140 -45.89 -3.46 -0.81
CA GLY A 140 -45.82 -4.67 -1.66
C GLY A 140 -44.59 -4.90 -2.53
N GLU A 141 -43.80 -3.85 -2.78
CA GLU A 141 -42.55 -3.96 -3.58
C GLU A 141 -41.57 -4.99 -3.03
N SER A 142 -40.50 -5.25 -3.79
CA SER A 142 -39.51 -6.25 -3.40
C SER A 142 -38.27 -5.60 -2.81
N HIS A 143 -37.60 -6.36 -1.94
CA HIS A 143 -36.25 -6.00 -1.46
C HIS A 143 -35.38 -5.65 -2.65
N TRP A 144 -34.39 -4.82 -2.47
CA TRP A 144 -33.46 -4.52 -3.56
C TRP A 144 -32.72 -5.78 -4.02
N VAL A 145 -32.40 -6.69 -3.08
CA VAL A 145 -31.55 -7.84 -3.37
C VAL A 145 -32.16 -8.90 -4.29
N ASP A 146 -33.49 -8.93 -4.38
CA ASP A 146 -34.21 -9.92 -5.18
C ASP A 146 -34.39 -9.44 -6.64
N ASP A 147 -34.39 -8.11 -6.83
CA ASP A 147 -34.52 -7.50 -8.15
C ASP A 147 -33.31 -7.79 -9.01
N ASP A 148 -33.55 -8.22 -10.23
CA ASP A 148 -32.50 -8.37 -11.25
C ASP A 148 -31.77 -7.05 -11.48
N CYS A 149 -30.61 -7.10 -12.13
CA CYS A 149 -29.78 -5.91 -12.26
C CYS A 149 -29.65 -5.41 -13.69
N GLU A 150 -30.08 -4.17 -13.94
CA GLU A 150 -29.82 -3.56 -15.24
C GLU A 150 -28.47 -2.87 -15.15
N GLU A 151 -27.94 -2.49 -16.31
CA GLU A 151 -26.75 -1.64 -16.38
C GLU A 151 -27.21 -0.26 -15.91
N ILE A 152 -26.32 0.51 -15.30
CA ILE A 152 -26.58 1.91 -15.01
C ILE A 152 -25.75 2.70 -16.00
N LYS A 153 -26.34 3.06 -17.15
CA LYS A 153 -25.62 3.73 -18.27
C LYS A 153 -25.25 5.17 -17.91
N ALA A 154 -26.05 5.76 -17.02
CA ALA A 154 -25.79 7.07 -16.44
C ALA A 154 -26.67 7.18 -15.20
N ALA A 155 -26.45 8.21 -14.39
CA ALA A 155 -27.19 8.33 -13.13
C ALA A 155 -28.67 8.70 -13.31
N GLU A 156 -29.58 7.89 -12.76
CA GLU A 156 -30.99 8.28 -12.60
C GLU A 156 -31.17 8.98 -11.24
N CYS A 157 -30.55 10.16 -11.08
CA CYS A 157 -30.62 10.92 -9.82
C CYS A 157 -31.76 11.93 -9.88
N PRO A 158 -32.35 12.26 -8.70
CA PRO A 158 -33.40 13.26 -8.64
C PRO A 158 -32.91 14.67 -8.93
N ALA A 159 -33.80 15.51 -9.43
CA ALA A 159 -33.48 16.90 -9.70
C ALA A 159 -32.94 17.56 -8.43
N GLY A 160 -31.96 18.44 -8.59
CA GLY A 160 -31.35 19.07 -7.44
C GLY A 160 -30.12 18.33 -6.93
N PHE A 161 -29.77 17.23 -7.60
CA PHE A 161 -28.54 16.50 -7.29
C PHE A 161 -27.40 16.92 -8.22
N VAL A 162 -26.46 17.68 -7.66
CA VAL A 162 -25.34 18.23 -8.42
C VAL A 162 -24.47 17.12 -8.99
N ARG A 163 -24.11 16.16 -8.15
CA ARG A 163 -23.43 14.93 -8.61
C ARG A 163 -23.99 13.68 -7.93
N PRO A 164 -23.47 12.51 -8.30
CA PRO A 164 -23.91 11.34 -7.55
C PRO A 164 -23.25 11.29 -6.18
N PRO A 165 -24.02 10.98 -5.14
CA PRO A 165 -23.42 10.85 -3.83
C PRO A 165 -22.51 9.65 -3.78
N LEU A 166 -21.55 9.70 -2.86
CA LEU A 166 -20.68 8.58 -2.58
C LEU A 166 -20.92 8.05 -1.16
N ILE A 167 -21.17 6.75 -1.05
CA ILE A 167 -21.29 6.12 0.27
C ILE A 167 -20.25 5.04 0.46
N ILE A 168 -19.35 5.30 1.40
CA ILE A 168 -18.23 4.42 1.67
C ILE A 168 -18.68 3.48 2.75
N PHE A 169 -18.56 2.18 2.51
CA PHE A 169 -18.95 1.14 3.48
C PHE A 169 -17.75 0.34 4.00
N SER A 170 -17.23 0.72 5.16
CA SER A 170 -16.01 0.13 5.65
C SER A 170 -16.33 -0.97 6.68
N VAL A 171 -15.75 -2.17 6.47
CA VAL A 171 -15.94 -3.36 7.31
C VAL A 171 -14.61 -3.80 7.89
N ASP A 172 -14.56 -4.08 9.18
CA ASP A 172 -13.29 -4.34 9.83
C ASP A 172 -12.91 -5.81 9.77
N GLY A 173 -11.77 -6.12 9.19
CA GLY A 173 -11.26 -7.49 9.21
C GLY A 173 -11.95 -8.44 8.25
N PHE A 174 -12.59 -7.89 7.22
CA PHE A 174 -13.26 -8.67 6.21
C PHE A 174 -12.18 -9.22 5.28
N ARG A 175 -11.69 -10.38 5.66
CA ARG A 175 -10.70 -11.11 4.88
C ARG A 175 -11.25 -11.38 3.50
N ALA A 176 -10.38 -11.26 2.49
CA ALA A 176 -10.77 -11.41 1.07
C ALA A 176 -11.56 -12.69 0.79
N SER A 177 -10.96 -13.81 1.14
CA SER A 177 -11.58 -15.13 1.04
C SER A 177 -13.05 -15.23 1.51
N TYR A 178 -13.47 -14.41 2.46
CA TYR A 178 -14.88 -14.44 2.88
C TYR A 178 -15.85 -14.40 1.68
N MET A 179 -15.52 -13.66 0.64
CA MET A 179 -16.40 -13.58 -0.53
C MET A 179 -16.73 -14.93 -1.14
N LYS A 180 -15.83 -15.90 -1.01
CA LYS A 180 -16.08 -17.22 -1.55
C LYS A 180 -16.94 -18.05 -0.58
N LYS A 181 -16.74 -17.87 0.72
CA LYS A 181 -17.78 -18.27 1.67
C LYS A 181 -18.98 -17.38 1.31
N GLY A 182 -20.17 -17.70 1.81
CA GLY A 182 -21.37 -16.87 1.56
C GLY A 182 -22.09 -17.00 0.22
N SER A 183 -23.11 -17.85 0.17
CA SER A 183 -24.05 -17.89 -0.96
C SER A 183 -25.32 -17.15 -0.55
N LYS A 184 -26.04 -17.73 0.41
CA LYS A 184 -27.17 -17.07 1.03
C LYS A 184 -26.78 -16.66 2.46
N VAL A 185 -25.48 -16.49 2.67
CA VAL A 185 -24.99 -15.81 3.87
C VAL A 185 -24.87 -14.33 3.55
N MET A 186 -24.41 -14.02 2.35
CA MET A 186 -24.28 -12.62 1.93
C MET A 186 -24.87 -12.39 0.54
N PRO A 187 -26.21 -12.37 0.48
CA PRO A 187 -26.86 -12.21 -0.81
C PRO A 187 -26.88 -10.79 -1.32
N ASN A 188 -26.86 -9.79 -0.44
CA ASN A 188 -26.84 -8.39 -0.90
C ASN A 188 -25.44 -8.04 -1.37
N ILE A 189 -24.45 -8.42 -0.57
CA ILE A 189 -23.05 -8.18 -0.91
C ILE A 189 -22.63 -8.95 -2.16
N GLU A 190 -23.02 -10.22 -2.27
CA GLU A 190 -22.71 -10.96 -3.48
C GLU A 190 -23.28 -10.22 -4.69
N LYS A 191 -24.45 -9.59 -4.54
CA LYS A 191 -25.10 -8.90 -5.67
C LYS A 191 -24.42 -7.60 -6.12
N LEU A 192 -23.86 -6.84 -5.16
CA LEU A 192 -22.99 -5.72 -5.46
C LEU A 192 -21.74 -6.22 -6.16
N ARG A 193 -21.14 -7.24 -5.56
CA ARG A 193 -19.92 -7.80 -6.07
C ARG A 193 -20.17 -8.09 -7.54
N SER A 194 -21.21 -8.86 -7.86
CA SER A 194 -21.34 -9.40 -9.21
C SER A 194 -21.84 -8.39 -10.21
N CYS A 195 -22.60 -7.41 -9.76
CA CYS A 195 -23.10 -6.36 -10.65
C CYS A 195 -22.14 -5.21 -10.77
N GLY A 196 -21.25 -5.08 -9.80
CA GLY A 196 -20.37 -3.94 -9.79
C GLY A 196 -18.98 -4.20 -10.32
N THR A 197 -18.10 -3.30 -9.93
CA THR A 197 -16.71 -3.43 -10.20
C THR A 197 -16.10 -4.05 -8.94
N HIS A 198 -15.37 -5.14 -9.11
CA HIS A 198 -14.76 -5.84 -7.98
C HIS A 198 -13.35 -6.35 -8.34
N SER A 199 -12.53 -6.56 -7.31
CA SER A 199 -11.25 -7.22 -7.51
C SER A 199 -11.11 -8.42 -6.54
N PRO A 200 -10.34 -9.45 -6.95
CA PRO A 200 -10.11 -10.63 -6.13
C PRO A 200 -9.79 -10.27 -4.69
N TYR A 201 -8.84 -9.34 -4.53
CA TYR A 201 -8.47 -8.77 -3.21
C TYR A 201 -7.89 -7.35 -3.27
N MET A 202 -7.70 -6.75 -2.10
CA MET A 202 -7.11 -5.41 -2.00
C MET A 202 -5.99 -5.41 -0.95
N ARG A 203 -4.93 -4.66 -1.20
CA ARG A 203 -3.79 -4.78 -0.32
C ARG A 203 -3.77 -3.61 0.64
N PRO A 204 -3.74 -3.91 1.96
CA PRO A 204 -3.66 -2.85 2.94
C PRO A 204 -2.24 -2.30 3.02
N VAL A 205 -2.05 -1.20 3.75
CA VAL A 205 -0.68 -0.79 4.11
C VAL A 205 -0.24 -1.52 5.37
N TYR A 206 1.06 -1.47 5.61
CA TYR A 206 1.65 -2.00 6.82
C TYR A 206 1.71 -0.87 7.82
N PRO A 207 1.43 -1.15 9.10
CA PRO A 207 0.93 -2.41 9.66
C PRO A 207 -0.50 -2.67 9.26
N THR A 208 -0.86 -3.94 9.09
CA THR A 208 -2.25 -4.33 8.79
C THR A 208 -3.18 -4.22 10.04
N LYS A 209 -3.26 -3.00 10.57
CA LYS A 209 -4.04 -2.64 11.73
C LYS A 209 -5.08 -1.57 11.34
N THR A 210 -6.12 -1.44 12.18
CA THR A 210 -7.29 -0.62 11.84
C THR A 210 -7.05 0.88 11.59
N PHE A 211 -6.32 1.54 12.47
CA PHE A 211 -6.19 2.99 12.39
C PHE A 211 -5.32 3.40 11.23
N PRO A 212 -4.14 2.78 11.08
CA PRO A 212 -3.36 3.26 9.93
C PRO A 212 -4.03 3.07 8.58
N ASN A 213 -4.92 2.10 8.44
CA ASN A 213 -5.49 1.79 7.13
C ASN A 213 -6.66 2.67 6.74
N LEU A 214 -7.53 2.92 7.69
CA LEU A 214 -8.65 3.80 7.48
C LEU A 214 -8.12 5.19 7.23
N TYR A 215 -7.01 5.55 7.87
CA TYR A 215 -6.49 6.87 7.63
C TYR A 215 -5.74 6.93 6.30
N THR A 216 -5.14 5.81 5.92
CA THR A 216 -4.53 5.68 4.60
C THR A 216 -5.61 5.83 3.57
N LEU A 217 -6.65 5.02 3.73
CA LEU A 217 -7.84 5.08 2.88
C LEU A 217 -8.48 6.49 2.79
N ALA A 218 -8.42 7.24 3.89
CA ALA A 218 -8.88 8.63 3.93
C ALA A 218 -8.02 9.62 3.17
N THR A 219 -6.72 9.30 3.04
CA THR A 219 -5.69 10.29 2.70
C THR A 219 -4.87 9.98 1.44
N GLY A 220 -4.91 8.74 0.97
CA GLY A 220 -4.00 8.32 -0.07
C GLY A 220 -2.54 8.26 0.37
N LEU A 221 -2.29 8.36 1.68
CA LEU A 221 -0.90 8.43 2.18
C LEU A 221 -0.49 7.13 2.85
N TYR A 222 0.77 6.75 2.73
CA TYR A 222 1.34 5.74 3.60
C TYR A 222 1.36 6.25 5.03
N PRO A 223 1.28 5.32 5.99
CA PRO A 223 1.37 5.69 7.40
C PRO A 223 2.60 6.57 7.71
N GLU A 224 3.80 6.21 7.27
CA GLU A 224 4.94 7.08 7.55
C GLU A 224 4.61 8.55 7.29
N SER A 225 3.72 8.83 6.36
CA SER A 225 3.42 10.22 6.03
C SER A 225 2.21 10.84 6.75
N HIS A 226 1.10 10.09 6.94
CA HIS A 226 -0.04 10.64 7.69
C HIS A 226 0.13 10.59 9.18
N GLY A 227 1.12 9.84 9.66
CA GLY A 227 1.55 9.91 11.06
C GLY A 227 0.96 8.83 11.93
N ILE A 228 -0.28 8.45 11.63
CA ILE A 228 -0.94 7.32 12.35
C ILE A 228 -0.22 5.98 12.06
N VAL A 229 0.92 5.77 12.73
CA VAL A 229 1.80 4.66 12.38
C VAL A 229 1.42 3.34 13.02
N GLY A 230 0.42 3.36 13.90
CA GLY A 230 -0.12 2.13 14.49
C GLY A 230 -1.27 2.46 15.40
N ASN A 231 -2.07 1.46 15.78
CA ASN A 231 -3.08 1.62 16.85
C ASN A 231 -2.50 2.22 18.15
N SER A 232 -1.37 1.68 18.62
CA SER A 232 -0.63 2.29 19.73
C SER A 232 0.63 2.92 19.15
N MET A 233 0.96 4.09 19.68
CA MET A 233 2.23 4.75 19.38
C MET A 233 2.61 5.82 20.40
N TYR A 234 3.91 6.17 20.42
CA TYR A 234 4.51 7.15 21.32
C TYR A 234 5.26 8.20 20.51
N ASP A 235 4.84 9.45 20.56
CA ASP A 235 5.60 10.54 19.91
C ASP A 235 6.55 11.12 20.94
N PRO A 236 7.85 11.00 20.72
CA PRO A 236 8.78 11.52 21.72
C PRO A 236 8.79 13.04 21.84
N VAL A 237 8.25 13.77 20.87
CA VAL A 237 8.27 15.22 20.91
C VAL A 237 7.05 15.82 21.63
N PHE A 238 5.87 15.26 21.41
CA PHE A 238 4.72 15.58 22.28
C PHE A 238 4.92 14.91 23.63
N ASP A 239 5.81 13.92 23.65
CA ASP A 239 5.97 13.01 24.78
C ASP A 239 4.61 12.52 25.26
N ALA A 240 3.87 11.88 24.35
CA ALA A 240 2.50 11.45 24.60
C ALA A 240 2.27 10.04 24.02
N THR A 241 1.19 9.38 24.42
CA THR A 241 0.87 8.07 23.90
C THR A 241 -0.52 8.07 23.28
N PHE A 242 -0.61 7.52 22.08
CA PHE A 242 -1.81 7.46 21.30
C PHE A 242 -2.31 6.05 21.51
N HIS A 243 -3.63 5.91 21.65
CA HIS A 243 -4.26 4.60 21.83
C HIS A 243 -5.64 4.54 21.16
N LEU A 244 -6.11 3.31 20.91
CA LEU A 244 -7.48 3.01 20.47
C LEU A 244 -8.50 3.41 21.57
N ARG A 245 -8.29 2.95 22.79
CA ARG A 245 -9.04 3.44 23.92
C ARG A 245 -8.42 4.80 24.29
N GLY A 246 -9.24 5.80 24.63
CA GLY A 246 -8.74 7.03 25.24
C GLY A 246 -9.20 8.25 24.49
N ARG A 247 -8.96 9.44 25.06
CA ARG A 247 -9.34 10.72 24.42
C ARG A 247 -8.21 11.37 23.63
N GLU A 248 -6.97 10.93 23.86
CA GLU A 248 -5.79 11.54 23.22
C GLU A 248 -5.86 11.55 21.67
N LYS A 249 -6.39 10.47 21.11
CA LYS A 249 -6.55 10.36 19.65
C LYS A 249 -7.45 11.41 19.03
N PHE A 250 -8.29 12.05 19.85
CA PHE A 250 -9.16 13.13 19.38
C PHE A 250 -8.41 14.45 19.29
N ASN A 251 -7.17 14.49 19.77
CA ASN A 251 -6.34 15.64 19.53
C ASN A 251 -5.86 15.55 18.10
N HIS A 252 -5.98 16.67 17.38
CA HIS A 252 -5.73 16.73 15.93
C HIS A 252 -4.22 16.71 15.58
N ARG A 253 -3.36 16.96 16.56
CA ARG A 253 -1.90 16.94 16.35
C ARG A 253 -1.35 15.61 15.79
N TRP A 254 -1.98 14.50 16.18
CA TRP A 254 -1.57 13.16 15.71
C TRP A 254 -1.91 12.93 14.25
N TRP A 255 -2.94 13.61 13.74
CA TRP A 255 -3.51 13.27 12.46
C TRP A 255 -3.00 14.19 11.38
N GLY A 256 -2.00 13.73 10.62
CA GLY A 256 -1.39 14.53 9.54
C GLY A 256 -2.13 14.36 8.22
N GLY A 257 -1.60 14.93 7.14
CA GLY A 257 -2.20 14.82 5.81
C GLY A 257 -3.54 15.51 5.62
N GLN A 258 -4.16 15.27 4.47
CA GLN A 258 -5.48 15.79 4.21
C GLN A 258 -6.47 14.67 3.85
N PRO A 259 -7.35 14.33 4.79
CA PRO A 259 -8.42 13.38 4.55
C PRO A 259 -9.55 13.86 3.66
N LEU A 260 -10.23 12.90 3.09
CA LEU A 260 -11.18 13.14 2.05
C LEU A 260 -12.22 14.15 2.49
N TRP A 261 -12.63 14.08 3.73
CA TRP A 261 -13.72 14.93 4.21
C TRP A 261 -13.28 16.38 4.38
N ILE A 262 -12.02 16.63 4.74
CA ILE A 262 -11.48 17.99 4.67
C ILE A 262 -11.20 18.46 3.23
N THR A 263 -10.66 17.58 2.39
CA THR A 263 -10.44 17.94 0.96
C THR A 263 -11.77 18.41 0.35
N ALA A 264 -12.81 17.61 0.55
CA ALA A 264 -14.10 17.92 -0.01
C ALA A 264 -14.60 19.26 0.49
N THR A 265 -14.54 19.49 1.79
CA THR A 265 -15.19 20.68 2.34
C THR A 265 -14.42 21.93 1.87
N LYS A 266 -13.11 21.83 1.85
CA LYS A 266 -12.30 22.91 1.34
C LYS A 266 -12.64 23.33 -0.12
N GLN A 267 -13.20 22.41 -0.92
CA GLN A 267 -13.62 22.66 -2.32
C GLN A 267 -15.15 22.87 -2.50
N GLY A 268 -15.88 23.05 -1.39
CA GLY A 268 -17.33 23.28 -1.44
C GLY A 268 -18.24 22.07 -1.60
N VAL A 269 -17.79 20.87 -1.23
CA VAL A 269 -18.63 19.65 -1.26
C VAL A 269 -18.94 19.14 0.14
N LYS A 270 -20.21 19.25 0.56
CA LYS A 270 -20.57 18.88 1.92
C LYS A 270 -20.27 17.41 2.19
N ALA A 271 -19.84 17.11 3.42
CA ALA A 271 -19.59 15.73 3.86
C ALA A 271 -20.37 15.33 5.13
N GLY A 272 -20.89 14.12 5.13
CA GLY A 272 -21.41 13.51 6.35
C GLY A 272 -20.25 13.17 7.26
N THR A 273 -20.39 13.41 8.56
CA THR A 273 -19.30 13.13 9.50
C THR A 273 -19.01 11.62 9.61
N PHE A 274 -17.75 11.26 9.32
CA PHE A 274 -17.31 9.87 9.11
C PHE A 274 -17.32 8.98 10.37
N PHE A 275 -17.07 9.62 11.53
CA PHE A 275 -17.01 8.91 12.80
C PHE A 275 -18.37 8.94 13.51
N TRP A 276 -18.67 7.87 14.25
CA TRP A 276 -19.89 7.77 15.05
C TRP A 276 -19.46 7.44 16.43
N SER A 277 -20.13 8.00 17.43
CA SER A 277 -19.84 7.58 18.79
C SER A 277 -20.17 6.09 18.88
N VAL A 278 -19.56 5.41 19.86
CA VAL A 278 -19.72 3.96 19.96
C VAL A 278 -21.12 3.53 20.38
N VAL A 279 -21.75 4.35 21.21
CA VAL A 279 -23.09 4.10 21.77
C VAL A 279 -24.27 4.21 20.78
N ILE A 280 -23.98 4.41 19.51
CA ILE A 280 -25.02 4.60 18.52
C ILE A 280 -25.11 3.31 17.74
N PRO A 281 -26.27 2.66 17.75
CA PRO A 281 -26.35 1.39 17.02
C PRO A 281 -26.15 1.52 15.50
N HIS A 282 -25.92 0.39 14.84
CA HIS A 282 -25.63 0.38 13.40
C HIS A 282 -26.87 0.80 12.64
N GLU A 283 -28.00 0.21 13.01
CA GLU A 283 -29.26 0.47 12.33
C GLU A 283 -29.56 1.93 12.30
N ARG A 284 -29.19 2.64 13.35
CA ARG A 284 -29.41 4.08 13.42
C ARG A 284 -28.41 4.86 12.57
N ARG A 285 -27.17 4.39 12.50
CA ARG A 285 -26.19 5.04 11.66
C ARG A 285 -26.73 5.05 10.25
N ILE A 286 -27.26 3.91 9.81
CA ILE A 286 -27.92 3.80 8.50
C ILE A 286 -29.02 4.86 8.36
N LEU A 287 -30.02 4.80 9.25
CA LEU A 287 -31.18 5.66 9.13
C LEU A 287 -30.80 7.12 9.05
N THR A 288 -29.88 7.52 9.91
CA THR A 288 -29.34 8.88 9.89
C THR A 288 -28.78 9.24 8.49
N ILE A 289 -28.02 8.33 7.90
CA ILE A 289 -27.56 8.54 6.54
C ILE A 289 -28.72 8.79 5.60
N LEU A 290 -29.73 7.94 5.64
CA LEU A 290 -30.83 8.04 4.69
C LEU A 290 -31.62 9.32 4.97
N GLN A 291 -31.69 9.72 6.24
CA GLN A 291 -32.24 11.03 6.60
C GLN A 291 -31.45 12.22 6.03
N TRP A 292 -30.15 12.19 6.21
CA TRP A 292 -29.30 13.23 5.64
C TRP A 292 -29.46 13.36 4.15
N LEU A 293 -29.60 12.23 3.45
CA LEU A 293 -29.81 12.27 2.00
C LEU A 293 -31.04 13.09 1.63
N THR A 294 -32.05 13.14 2.50
CA THR A 294 -33.31 13.84 2.21
C THR A 294 -33.29 15.31 2.58
N LEU A 295 -32.25 15.77 3.26
CA LEU A 295 -32.17 17.17 3.61
C LEU A 295 -32.34 18.08 2.38
N PRO A 296 -32.72 19.34 2.59
CA PRO A 296 -32.49 20.39 1.64
C PRO A 296 -31.22 20.17 0.84
N ASP A 297 -31.28 20.56 -0.44
CA ASP A 297 -30.16 20.47 -1.38
C ASP A 297 -28.88 21.17 -0.90
N HIS A 298 -29.01 22.42 -0.46
CA HIS A 298 -27.89 23.23 0.02
C HIS A 298 -27.18 22.56 1.21
N GLU A 299 -27.94 21.90 2.08
CA GLU A 299 -27.40 21.25 3.29
C GLU A 299 -27.02 19.77 3.06
N ARG A 300 -27.56 19.14 2.01
CA ARG A 300 -27.31 17.69 1.80
C ARG A 300 -25.86 17.34 1.39
N PRO A 301 -25.22 16.42 2.11
CA PRO A 301 -23.85 16.08 1.75
C PRO A 301 -23.78 15.29 0.45
N SER A 302 -22.56 15.19 -0.10
CA SER A 302 -22.32 14.35 -1.25
C SER A 302 -21.51 13.11 -0.87
N VAL A 303 -20.81 13.14 0.25
CA VAL A 303 -20.02 12.00 0.66
C VAL A 303 -20.35 11.60 2.08
N TYR A 304 -20.55 10.29 2.25
CA TYR A 304 -20.94 9.66 3.51
C TYR A 304 -20.04 8.49 3.71
N ALA A 305 -19.97 8.02 4.95
CA ALA A 305 -19.19 6.84 5.27
C ALA A 305 -19.82 6.07 6.42
N PHE A 306 -19.64 4.76 6.40
CA PHE A 306 -20.10 3.88 7.46
C PHE A 306 -18.99 2.90 7.84
N TYR A 307 -18.63 2.89 9.12
CA TYR A 307 -17.61 1.99 9.64
C TYR A 307 -18.24 1.02 10.57
N SER A 308 -17.87 -0.25 10.43
CA SER A 308 -18.33 -1.30 11.32
C SER A 308 -17.20 -2.09 11.94
N GLU A 309 -17.24 -2.26 13.25
CA GLU A 309 -16.27 -3.08 13.96
C GLU A 309 -16.26 -4.58 13.58
N GLN A 310 -17.38 -5.10 13.09
CA GLN A 310 -17.43 -6.49 12.63
C GLN A 310 -17.05 -6.51 11.18
N PRO A 311 -16.53 -7.64 10.70
CA PRO A 311 -16.38 -8.94 11.38
C PRO A 311 -15.11 -9.15 12.23
N ASP A 312 -14.26 -8.12 12.34
CA ASP A 312 -13.02 -8.16 13.13
C ASP A 312 -13.22 -8.68 14.59
N PHE A 313 -14.23 -8.22 15.31
CA PHE A 313 -14.42 -8.69 16.71
C PHE A 313 -14.54 -10.22 16.79
N SER A 314 -15.57 -10.76 16.15
CA SER A 314 -15.77 -12.20 16.12
C SER A 314 -14.50 -12.92 15.66
N GLY A 315 -13.95 -12.46 14.55
CA GLY A 315 -12.71 -13.01 14.01
C GLY A 315 -11.68 -13.21 15.10
N HIS A 316 -11.56 -12.24 16.00
CA HIS A 316 -10.59 -12.31 17.10
C HIS A 316 -10.93 -13.41 18.09
N LYS A 317 -12.21 -13.65 18.33
CA LYS A 317 -12.61 -14.69 19.28
C LYS A 317 -12.39 -16.05 18.65
N TYR A 318 -12.97 -16.28 17.48
CA TYR A 318 -13.11 -17.64 16.93
C TYR A 318 -12.13 -17.92 15.80
N GLY A 319 -11.37 -16.91 15.43
CA GLY A 319 -10.45 -17.06 14.33
C GLY A 319 -11.14 -16.80 13.00
N PRO A 320 -10.35 -16.64 11.94
CA PRO A 320 -10.93 -16.33 10.64
C PRO A 320 -11.97 -17.35 10.19
N PHE A 321 -11.58 -18.63 10.23
CA PHE A 321 -12.31 -19.69 9.60
C PHE A 321 -13.13 -20.48 10.63
N GLY A 322 -13.63 -19.79 11.66
CA GLY A 322 -14.46 -20.45 12.66
C GLY A 322 -15.86 -20.78 12.16
N PRO A 323 -16.60 -21.61 12.90
CA PRO A 323 -18.01 -21.83 12.58
C PRO A 323 -18.93 -20.67 12.96
N GLU A 324 -18.55 -19.88 13.97
CA GLU A 324 -19.40 -18.81 14.47
C GLU A 324 -19.34 -17.54 13.63
N MET A 325 -18.45 -17.47 12.64
CA MET A 325 -18.32 -16.28 11.78
C MET A 325 -19.49 -16.03 10.80
N THR A 326 -20.20 -17.09 10.41
CA THR A 326 -21.38 -16.95 9.54
C THR A 326 -22.37 -15.91 10.06
N ASN A 327 -22.71 -16.00 11.34
CA ASN A 327 -23.67 -15.08 11.92
C ASN A 327 -23.29 -13.61 11.74
N PRO A 328 -22.06 -13.21 12.13
CA PRO A 328 -21.62 -11.84 11.86
C PRO A 328 -21.75 -11.44 10.40
N LEU A 329 -21.38 -12.33 9.50
CA LEU A 329 -21.45 -12.05 8.08
C LEU A 329 -22.90 -11.92 7.61
N ARG A 330 -23.82 -12.55 8.34
CA ARG A 330 -25.23 -12.41 8.05
C ARG A 330 -25.70 -11.07 8.53
N GLU A 331 -25.31 -10.74 9.76
CA GLU A 331 -25.67 -9.46 10.36
C GLU A 331 -25.22 -8.32 9.49
N ILE A 332 -24.02 -8.45 8.93
CA ILE A 332 -23.44 -7.44 8.03
C ILE A 332 -24.09 -7.41 6.64
N ASP A 333 -24.62 -8.51 6.15
CA ASP A 333 -25.38 -8.43 4.93
C ASP A 333 -26.70 -7.68 5.21
N LYS A 334 -27.29 -7.98 6.36
CA LYS A 334 -28.55 -7.35 6.74
C LYS A 334 -28.40 -5.86 6.66
N ILE A 335 -27.50 -5.29 7.48
CA ILE A 335 -27.24 -3.84 7.50
C ILE A 335 -27.01 -3.32 6.08
N VAL A 336 -26.30 -4.07 5.26
CA VAL A 336 -26.20 -3.68 3.84
C VAL A 336 -27.58 -3.69 3.16
N GLY A 337 -28.33 -4.77 3.32
CA GLY A 337 -29.69 -4.82 2.78
C GLY A 337 -30.55 -3.62 3.15
N GLN A 338 -30.46 -3.20 4.42
CA GLN A 338 -31.17 -2.02 4.94
C GLN A 338 -30.72 -0.78 4.21
N LEU A 339 -29.42 -0.65 4.03
CA LEU A 339 -28.95 0.45 3.23
C LEU A 339 -29.56 0.38 1.85
N MET A 340 -29.54 -0.80 1.23
CA MET A 340 -29.98 -0.94 -0.15
C MET A 340 -31.51 -0.92 -0.35
N ASP A 341 -32.29 -1.32 0.65
CA ASP A 341 -33.74 -1.07 0.58
C ASP A 341 -34.05 0.37 0.94
N GLY A 342 -33.20 0.99 1.75
CA GLY A 342 -33.36 2.41 2.08
C GLY A 342 -33.14 3.30 0.88
N LEU A 343 -32.06 3.03 0.13
CA LEU A 343 -31.82 3.75 -1.11
C LEU A 343 -32.96 3.51 -2.12
N LYS A 344 -33.30 2.25 -2.33
CA LYS A 344 -34.44 1.88 -3.17
C LYS A 344 -35.70 2.72 -2.86
N GLN A 345 -35.93 2.96 -1.57
CA GLN A 345 -37.16 3.62 -1.11
C GLN A 345 -37.19 5.07 -1.50
N LEU A 346 -36.05 5.73 -1.34
CA LEU A 346 -35.96 7.14 -1.62
C LEU A 346 -35.76 7.36 -3.11
N LYS A 347 -35.69 6.25 -3.87
CA LYS A 347 -35.51 6.28 -5.33
C LYS A 347 -34.10 6.74 -5.69
N LEU A 348 -33.09 6.18 -5.00
CA LEU A 348 -31.66 6.52 -5.20
C LEU A 348 -30.71 5.34 -5.47
N HIS A 349 -31.23 4.13 -5.49
CA HIS A 349 -30.43 2.93 -5.74
C HIS A 349 -29.81 2.90 -7.15
N ARG A 350 -30.27 3.78 -8.05
CA ARG A 350 -29.62 3.97 -9.36
C ARG A 350 -29.00 5.38 -9.43
N CYS A 351 -28.32 5.75 -8.36
CA CYS A 351 -27.86 7.10 -8.22
C CYS A 351 -26.72 7.27 -7.24
N VAL A 352 -26.71 6.53 -6.14
CA VAL A 352 -25.62 6.65 -5.21
C VAL A 352 -24.49 5.75 -5.69
N ASN A 353 -23.26 6.23 -5.55
CA ASN A 353 -22.10 5.37 -5.70
C ASN A 353 -21.78 4.75 -4.36
N VAL A 354 -21.64 3.43 -4.39
CA VAL A 354 -21.43 2.61 -3.23
C VAL A 354 -20.07 1.96 -3.30
N ILE A 355 -19.24 2.22 -2.29
CA ILE A 355 -18.00 1.45 -2.12
C ILE A 355 -18.05 0.55 -0.87
N PHE A 356 -17.75 -0.72 -1.08
CA PHE A 356 -17.70 -1.67 0.02
C PHE A 356 -16.24 -2.04 0.14
N VAL A 357 -15.62 -1.69 1.25
CA VAL A 357 -14.20 -1.94 1.39
C VAL A 357 -13.87 -2.35 2.83
N GLY A 358 -12.78 -3.07 3.02
CA GLY A 358 -12.31 -3.37 4.36
C GLY A 358 -11.09 -2.55 4.68
N ASP A 359 -10.63 -2.67 5.92
CA ASP A 359 -9.38 -2.06 6.38
C ASP A 359 -8.16 -3.02 6.35
N HIS A 360 -8.41 -4.33 6.49
CA HIS A 360 -7.40 -5.41 6.54
C HIS A 360 -8.08 -6.77 6.65
N GLY A 361 -7.28 -7.84 6.57
CA GLY A 361 -7.76 -9.22 6.72
C GLY A 361 -7.70 -9.73 8.16
N MET A 362 -7.47 -11.05 8.30
CA MET A 362 -7.52 -11.73 9.62
C MET A 362 -6.95 -13.14 9.52
N GLU A 363 -6.12 -13.52 10.49
CA GLU A 363 -5.35 -14.77 10.43
C GLU A 363 -5.59 -15.55 11.72
N ASP A 364 -5.34 -16.86 11.65
CA ASP A 364 -5.39 -17.76 12.81
C ASP A 364 -4.19 -17.52 13.73
N VAL A 365 -4.42 -16.91 14.89
CA VAL A 365 -3.33 -16.65 15.85
C VAL A 365 -3.73 -17.05 17.26
N THR A 366 -2.99 -18.01 17.82
CA THR A 366 -3.21 -18.50 19.19
C THR A 366 -2.00 -18.26 20.11
N CYS A 367 -2.28 -18.07 21.39
CA CYS A 367 -1.26 -17.65 22.34
C CYS A 367 -0.26 -18.73 22.70
N ASP A 368 -0.45 -19.97 22.27
CA ASP A 368 0.62 -20.97 22.39
C ASP A 368 1.71 -20.74 21.33
N ARG A 369 1.38 -20.03 20.24
CA ARG A 369 2.38 -19.58 19.27
C ARG A 369 2.82 -18.15 19.57
N THR A 370 3.49 -17.97 20.71
CA THR A 370 4.04 -16.68 21.09
C THR A 370 5.49 -16.81 21.48
N GLU A 371 6.32 -16.14 20.70
CA GLU A 371 7.71 -15.92 21.01
C GLU A 371 7.78 -14.86 22.08
N PHE A 372 8.77 -14.98 22.96
CA PHE A 372 8.91 -14.10 24.13
C PHE A 372 10.29 -13.44 24.15
N LEU A 373 10.37 -12.11 24.25
CA LEU A 373 11.68 -11.50 24.34
C LEU A 373 12.53 -12.09 25.44
N SER A 374 11.96 -12.37 26.61
CA SER A 374 12.77 -12.93 27.72
C SER A 374 13.60 -14.20 27.43
N ASN A 375 13.42 -14.83 26.25
CA ASN A 375 14.21 -16.00 25.85
C ASN A 375 15.46 -15.69 25.03
N TYR A 376 15.57 -14.42 24.65
CA TYR A 376 16.68 -13.90 23.85
C TYR A 376 17.46 -12.78 24.60
N LEU A 377 16.85 -12.17 25.63
CA LEU A 377 17.42 -11.00 26.30
C LEU A 377 17.46 -11.18 27.82
N THR A 378 18.55 -10.80 28.44
CA THR A 378 18.70 -11.08 29.85
C THR A 378 18.02 -10.05 30.74
N ASN A 379 17.84 -8.81 30.26
CA ASN A 379 17.15 -7.77 31.06
C ASN A 379 16.07 -6.98 30.32
N VAL A 380 14.90 -7.60 30.31
CA VAL A 380 13.76 -7.20 29.52
C VAL A 380 12.95 -6.12 30.24
N ASP A 381 13.24 -5.91 31.51
CA ASP A 381 12.50 -4.92 32.29
C ASP A 381 12.98 -3.52 31.97
N ASP A 382 14.11 -3.41 31.28
CA ASP A 382 14.66 -2.11 30.91
C ASP A 382 14.11 -1.57 29.56
N ILE A 383 13.39 -2.42 28.82
CA ILE A 383 12.84 -2.02 27.54
C ILE A 383 11.34 -2.13 27.52
N THR A 384 10.72 -1.36 26.62
CA THR A 384 9.26 -1.35 26.40
C THR A 384 8.92 -1.90 25.03
N LEU A 385 7.98 -2.84 25.01
CA LEU A 385 7.55 -3.48 23.77
C LEU A 385 6.08 -3.17 23.49
N VAL A 386 5.83 -2.62 22.31
CA VAL A 386 4.48 -2.67 21.74
C VAL A 386 4.38 -4.10 21.18
N PRO A 387 3.66 -4.98 21.88
CA PRO A 387 3.68 -6.38 21.47
C PRO A 387 2.60 -6.62 20.45
N GLY A 388 2.60 -7.82 19.86
CA GLY A 388 1.47 -8.31 19.09
C GLY A 388 1.89 -9.00 17.82
N THR A 389 1.41 -8.48 16.70
CA THR A 389 1.69 -9.06 15.37
C THR A 389 2.85 -8.31 14.67
N LEU A 390 3.32 -7.24 15.29
CA LEU A 390 4.65 -6.70 15.03
C LEU A 390 5.23 -6.32 16.37
N GLY A 391 6.52 -6.01 16.40
CA GLY A 391 7.13 -5.55 17.62
C GLY A 391 7.77 -4.23 17.30
N ARG A 392 7.66 -3.29 18.23
CA ARG A 392 8.35 -2.02 18.15
C ARG A 392 9.05 -1.82 19.48
N ILE A 393 10.38 -1.96 19.49
CA ILE A 393 11.18 -1.95 20.73
C ILE A 393 11.86 -0.61 21.02
N ARG A 394 11.87 -0.19 22.27
CA ARG A 394 12.65 0.97 22.73
C ARG A 394 12.96 0.88 24.22
N SER A 395 13.72 1.87 24.70
CA SER A 395 14.05 2.00 26.13
C SER A 395 12.82 2.42 26.96
N LYS A 396 12.56 1.72 28.07
CA LYS A 396 11.47 2.12 28.97
C LYS A 396 11.82 3.48 29.55
N PHE A 397 13.07 3.64 29.99
CA PHE A 397 13.52 4.90 30.60
C PHE A 397 14.42 5.70 29.67
N SER A 398 14.35 7.02 29.78
CA SER A 398 15.12 7.94 28.92
C SER A 398 16.54 8.22 29.46
N ASN A 399 16.87 7.67 30.63
CA ASN A 399 18.18 7.84 31.23
C ASN A 399 19.06 6.57 31.17
N ASN A 400 18.69 5.61 30.30
CA ASN A 400 19.22 4.25 30.36
C ASN A 400 20.65 4.10 29.80
N ALA A 401 21.63 3.96 30.70
CA ALA A 401 23.05 3.84 30.32
C ALA A 401 23.37 2.50 29.65
N LYS A 402 22.99 1.41 30.31
CA LYS A 402 23.18 0.04 29.80
C LYS A 402 22.26 -0.37 28.63
N TYR A 403 21.65 0.60 27.94
CA TYR A 403 20.79 0.31 26.80
C TYR A 403 21.67 0.18 25.54
N ASP A 404 21.62 -0.97 24.85
CA ASP A 404 22.55 -1.24 23.74
C ASP A 404 21.84 -1.77 22.49
N PRO A 405 21.28 -0.87 21.67
CA PRO A 405 20.54 -1.26 20.47
C PRO A 405 21.26 -2.32 19.66
N LYS A 406 22.57 -2.16 19.48
CA LYS A 406 23.37 -3.15 18.74
C LYS A 406 23.35 -4.51 19.45
N ALA A 407 23.48 -4.52 20.77
CA ALA A 407 23.46 -5.79 21.51
C ALA A 407 22.11 -6.44 21.37
N ILE A 408 21.05 -5.63 21.42
CA ILE A 408 19.70 -6.17 21.32
C ILE A 408 19.47 -6.83 19.96
N ILE A 409 19.97 -6.21 18.89
CA ILE A 409 19.70 -6.72 17.55
C ILE A 409 20.57 -7.95 17.32
N ALA A 410 21.75 -7.95 17.94
CA ALA A 410 22.58 -9.15 17.94
C ALA A 410 21.87 -10.33 18.57
N ASN A 411 21.31 -10.13 19.77
CA ASN A 411 20.73 -11.24 20.51
C ASN A 411 19.38 -11.71 20.00
N LEU A 412 18.81 -11.03 19.01
CA LEU A 412 17.58 -11.50 18.39
C LEU A 412 17.81 -12.13 17.04
N THR A 413 19.01 -12.03 16.50
CA THR A 413 19.27 -12.41 15.11
C THR A 413 19.64 -13.88 14.94
N CYS A 414 18.77 -14.64 14.31
CA CYS A 414 18.98 -16.07 14.05
C CYS A 414 19.61 -16.88 15.19
N LYS A 415 19.02 -16.77 16.37
CA LYS A 415 19.40 -17.68 17.45
C LYS A 415 18.93 -19.12 17.17
N LYS A 416 17.95 -19.29 16.28
CA LYS A 416 17.59 -20.63 15.82
C LYS A 416 17.16 -20.63 14.34
N PRO A 417 17.09 -21.81 13.69
CA PRO A 417 16.75 -21.80 12.25
C PRO A 417 15.35 -21.23 11.99
N ASP A 418 14.38 -21.78 12.72
CA ASP A 418 12.95 -21.58 12.47
C ASP A 418 12.29 -20.53 13.42
N GLN A 419 13.07 -19.50 13.77
CA GLN A 419 12.64 -18.37 14.61
C GLN A 419 11.49 -17.63 13.92
N HIS A 420 10.49 -17.20 14.69
CA HIS A 420 9.23 -16.75 14.09
C HIS A 420 9.09 -15.25 14.10
N PHE A 421 10.22 -14.55 14.14
CA PHE A 421 10.24 -13.12 13.94
C PHE A 421 11.65 -12.76 13.55
N LYS A 422 11.82 -11.58 12.98
CA LYS A 422 13.14 -11.10 12.59
C LYS A 422 13.28 -9.62 12.95
N PRO A 423 14.35 -9.26 13.67
CA PRO A 423 14.55 -7.87 14.05
C PRO A 423 15.11 -7.08 12.89
N TYR A 424 14.99 -5.75 12.93
CA TYR A 424 15.41 -4.87 11.85
C TYR A 424 15.46 -3.49 12.43
N LEU A 425 16.55 -2.76 12.22
CA LEU A 425 16.50 -1.30 12.36
C LEU A 425 15.51 -0.83 11.27
N LYS A 426 14.69 0.15 11.57
CA LYS A 426 13.58 0.55 10.72
C LYS A 426 14.01 0.90 9.29
N GLN A 427 15.18 1.52 9.16
CA GLN A 427 15.78 1.81 7.85
C GLN A 427 16.32 0.61 7.08
N HIS A 428 16.13 -0.62 7.56
CA HIS A 428 16.62 -1.82 6.87
C HIS A 428 15.50 -2.80 6.46
N LEU A 429 14.25 -2.51 6.89
CA LEU A 429 13.07 -3.24 6.44
C LEU A 429 12.93 -3.09 4.95
N PRO A 430 12.19 -4.02 4.30
CA PRO A 430 11.94 -3.85 2.89
C PRO A 430 11.27 -2.51 2.57
N LYS A 431 11.69 -1.92 1.46
CA LYS A 431 11.27 -0.58 1.10
C LYS A 431 9.80 -0.53 0.78
N ARG A 432 9.27 -1.63 0.24
CA ARG A 432 7.84 -1.73 -0.10
C ARG A 432 6.86 -1.46 1.05
N LEU A 433 7.31 -1.66 2.28
CA LEU A 433 6.49 -1.40 3.44
C LEU A 433 6.38 0.09 3.76
N HIS A 434 7.34 0.88 3.29
CA HIS A 434 7.37 2.32 3.55
C HIS A 434 7.23 2.60 5.01
N TYR A 435 7.99 1.87 5.82
CA TYR A 435 7.85 1.94 7.28
C TYR A 435 9.20 2.32 7.93
N ALA A 436 9.47 3.60 7.80
CA ALA A 436 10.58 4.29 8.43
C ALA A 436 10.29 5.69 7.96
N ASN A 437 10.90 6.69 8.57
CA ASN A 437 10.61 8.09 8.23
C ASN A 437 9.37 8.58 8.92
N ASN A 438 9.38 8.37 10.21
CA ASN A 438 8.54 9.10 11.11
C ASN A 438 9.07 8.86 12.51
N ARG A 439 9.33 9.94 13.22
CA ARG A 439 9.91 9.87 14.56
C ARG A 439 9.11 8.96 15.50
N ARG A 440 7.80 8.82 15.23
CA ARG A 440 6.90 7.91 15.95
C ARG A 440 7.07 6.42 15.62
N ILE A 441 7.99 6.07 14.71
CA ILE A 441 8.32 4.65 14.51
C ILE A 441 9.64 4.39 15.22
N GLU A 442 9.61 3.42 16.12
CA GLU A 442 10.76 3.10 16.95
C GLU A 442 11.85 2.55 16.05
N ASP A 443 13.11 2.69 16.42
CA ASP A 443 14.22 2.26 15.55
C ASP A 443 14.25 0.75 15.38
N ILE A 444 14.27 0.00 16.47
CA ILE A 444 14.22 -1.46 16.37
C ILE A 444 12.78 -1.84 16.15
N HIS A 445 12.59 -2.76 15.21
CA HIS A 445 11.29 -3.18 14.77
C HIS A 445 11.30 -4.63 14.41
N LEU A 446 10.31 -5.35 14.92
CA LEU A 446 10.22 -6.79 14.73
C LEU A 446 9.18 -7.11 13.71
N LEU A 447 9.55 -7.95 12.76
CA LEU A 447 8.64 -8.40 11.72
C LEU A 447 8.31 -9.82 12.15
N VAL A 448 7.04 -10.09 12.45
CA VAL A 448 6.63 -11.44 12.90
C VAL A 448 6.04 -12.26 11.79
N GLU A 449 6.29 -13.57 11.89
CA GLU A 449 5.77 -14.59 10.97
C GLU A 449 4.26 -14.77 11.07
N ARG A 450 3.63 -15.02 9.92
CA ARG A 450 2.20 -15.32 9.85
C ARG A 450 1.80 -16.34 10.89
N ARG A 451 0.64 -16.15 11.51
CA ARG A 451 0.11 -17.11 12.49
C ARG A 451 0.76 -17.02 13.87
N TRP A 452 1.66 -16.07 14.09
CA TRP A 452 2.38 -15.96 15.37
C TRP A 452 2.25 -14.59 16.04
N HIS A 453 2.84 -14.49 17.23
CA HIS A 453 2.77 -13.35 18.12
C HIS A 453 4.08 -13.14 18.84
N VAL A 454 4.28 -11.92 19.31
CA VAL A 454 5.46 -11.56 20.08
C VAL A 454 5.01 -10.82 21.35
N ALA A 455 5.81 -10.97 22.41
CA ALA A 455 5.45 -10.55 23.79
C ALA A 455 6.73 -10.36 24.63
N ARG A 456 6.64 -9.70 25.77
CA ARG A 456 7.85 -9.54 26.61
C ARG A 456 8.13 -10.81 27.42
N LYS A 457 7.45 -10.94 28.55
CA LYS A 457 7.65 -12.06 29.44
C LYS A 457 6.43 -12.93 29.28
N PRO A 458 6.51 -14.20 29.72
CA PRO A 458 5.41 -15.13 29.87
C PRO A 458 4.14 -14.56 30.54
N LEU A 459 4.30 -13.64 31.49
CA LEU A 459 3.15 -13.00 32.16
C LEU A 459 2.04 -12.53 31.19
N ASP A 460 2.43 -12.15 29.97
CA ASP A 460 1.50 -11.87 28.85
C ASP A 460 1.03 -13.15 28.15
N CYS A 469 -7.33 -20.04 26.51
CA CYS A 469 -6.89 -18.79 25.87
C CYS A 469 -7.99 -18.03 25.11
N PHE A 470 -8.03 -16.71 25.31
CA PHE A 470 -9.14 -15.84 24.86
C PHE A 470 -9.25 -15.60 23.34
N PHE A 471 -8.19 -15.09 22.70
CA PHE A 471 -8.19 -14.75 21.27
C PHE A 471 -7.82 -15.95 20.38
N GLN A 472 -8.45 -16.06 19.21
CA GLN A 472 -8.07 -17.06 18.21
C GLN A 472 -7.74 -16.53 16.80
N GLY A 473 -8.00 -15.26 16.55
CA GLY A 473 -7.61 -14.58 15.31
C GLY A 473 -6.88 -13.27 15.61
N ASP A 474 -5.95 -12.92 14.73
CA ASP A 474 -5.32 -11.60 14.84
C ASP A 474 -4.80 -11.14 13.48
N HIS A 475 -4.41 -9.87 13.40
CA HIS A 475 -3.91 -9.23 12.17
C HIS A 475 -2.87 -8.16 12.51
N GLY A 476 -2.21 -7.62 11.48
CA GLY A 476 -1.10 -6.66 11.66
C GLY A 476 0.22 -7.03 11.00
N PHE A 477 0.23 -8.17 10.31
CA PHE A 477 1.42 -8.77 9.73
C PHE A 477 1.82 -7.97 8.50
N ASP A 478 3.00 -8.29 7.99
CA ASP A 478 3.47 -7.89 6.68
C ASP A 478 2.34 -7.91 5.68
N ASN A 479 2.12 -6.78 5.04
CA ASN A 479 0.94 -6.63 4.21
C ASN A 479 0.91 -7.42 2.91
N LYS A 480 1.93 -8.22 2.60
CA LYS A 480 1.83 -9.08 1.40
C LYS A 480 1.39 -10.54 1.68
N VAL A 481 1.26 -10.92 2.94
CA VAL A 481 0.74 -12.25 3.30
C VAL A 481 -0.73 -12.37 2.94
N ASN A 482 -1.18 -13.55 2.53
CA ASN A 482 -2.54 -13.70 1.94
C ASN A 482 -3.74 -13.44 2.82
N SER A 483 -3.67 -13.90 4.06
CA SER A 483 -4.76 -13.75 5.01
C SER A 483 -5.06 -12.28 5.35
N MET A 484 -4.09 -11.41 5.12
CA MET A 484 -4.23 -9.96 5.41
C MET A 484 -4.91 -9.21 4.28
N GLN A 485 -4.98 -9.84 3.11
CA GLN A 485 -5.64 -9.22 1.96
C GLN A 485 -7.12 -9.04 2.28
N THR A 486 -7.71 -8.01 1.72
CA THR A 486 -9.06 -7.61 2.06
C THR A 486 -9.86 -7.34 0.80
N VAL A 487 -11.01 -6.69 0.91
CA VAL A 487 -11.97 -6.65 -0.19
C VAL A 487 -12.23 -5.27 -0.77
N PHE A 488 -12.65 -5.27 -2.04
CA PHE A 488 -13.14 -4.05 -2.71
C PHE A 488 -14.29 -4.36 -3.65
N VAL A 489 -15.39 -3.63 -3.47
CA VAL A 489 -16.47 -3.57 -4.45
C VAL A 489 -16.95 -2.15 -4.60
N GLY A 490 -17.12 -1.73 -5.86
CA GLY A 490 -17.68 -0.42 -6.24
C GLY A 490 -18.90 -0.69 -7.10
N TYR A 491 -20.03 -0.13 -6.74
CA TYR A 491 -21.25 -0.34 -7.50
C TYR A 491 -21.97 1.00 -7.66
N GLY A 492 -22.52 1.24 -8.85
CA GLY A 492 -23.21 2.50 -9.14
C GLY A 492 -22.79 3.11 -10.47
N PRO A 493 -23.35 4.28 -10.81
CA PRO A 493 -23.26 4.92 -12.14
C PRO A 493 -21.86 5.13 -12.68
N THR A 494 -20.95 5.61 -11.85
CA THR A 494 -19.58 5.88 -12.29
C THR A 494 -18.73 4.60 -12.35
N PHE A 495 -18.99 3.65 -11.47
CA PHE A 495 -18.29 2.38 -11.54
C PHE A 495 -18.77 1.57 -12.72
N LYS A 496 -17.89 0.70 -13.19
CA LYS A 496 -18.16 -0.17 -14.33
C LYS A 496 -19.17 -1.27 -13.95
N TYR A 497 -19.63 -2.03 -14.93
CA TYR A 497 -20.74 -2.96 -14.77
C TYR A 497 -20.25 -4.39 -14.95
N LYS A 498 -20.44 -5.18 -13.90
CA LYS A 498 -20.06 -6.59 -13.88
C LYS A 498 -18.60 -6.78 -14.21
N THR A 499 -17.76 -5.81 -13.91
CA THR A 499 -16.41 -5.89 -14.42
C THR A 499 -15.45 -6.34 -13.29
N LYS A 500 -14.33 -6.96 -13.67
CA LYS A 500 -13.37 -7.53 -12.72
C LYS A 500 -11.95 -6.97 -12.93
N VAL A 501 -11.63 -5.94 -12.19
CA VAL A 501 -10.31 -5.31 -12.26
C VAL A 501 -9.26 -6.05 -11.41
N PRO A 502 -7.99 -6.04 -11.84
CA PRO A 502 -6.98 -6.77 -11.07
C PRO A 502 -6.78 -6.17 -9.68
N PRO A 503 -6.11 -6.92 -8.77
CA PRO A 503 -5.92 -6.38 -7.41
C PRO A 503 -5.05 -5.13 -7.38
N PHE A 504 -5.29 -4.27 -6.40
CA PHE A 504 -4.56 -2.99 -6.23
C PHE A 504 -4.42 -2.66 -4.74
N GLU A 505 -3.76 -1.53 -4.43
CA GLU A 505 -3.47 -1.12 -3.05
C GLU A 505 -4.39 -0.03 -2.57
N ASN A 506 -4.58 0.02 -1.25
CA ASN A 506 -5.60 0.92 -0.69
C ASN A 506 -5.23 2.38 -0.78
N ILE A 507 -3.94 2.69 -0.71
CA ILE A 507 -3.46 4.05 -0.99
C ILE A 507 -4.04 4.65 -2.28
N GLU A 508 -4.42 3.81 -3.23
CA GLU A 508 -4.90 4.27 -4.53
C GLU A 508 -6.31 4.89 -4.53
N LEU A 509 -7.13 4.57 -3.53
CA LEU A 509 -8.57 4.87 -3.55
C LEU A 509 -8.95 6.31 -3.21
N TYR A 510 -8.13 6.99 -2.40
CA TYR A 510 -8.31 8.43 -2.16
C TYR A 510 -8.42 9.19 -3.48
N ASN A 511 -7.49 8.93 -4.40
CA ASN A 511 -7.60 9.49 -5.73
C ASN A 511 -8.96 9.13 -6.40
N VAL A 512 -9.37 7.87 -6.26
CA VAL A 512 -10.59 7.42 -6.89
C VAL A 512 -11.82 8.12 -6.35
N MET A 513 -11.93 8.15 -5.03
CA MET A 513 -13.05 8.83 -4.39
C MET A 513 -13.00 10.31 -4.74
N CYS A 514 -11.82 10.91 -4.75
CA CYS A 514 -11.67 12.28 -5.27
C CYS A 514 -12.26 12.44 -6.68
N ASP A 515 -11.91 11.56 -7.60
CA ASP A 515 -12.48 11.63 -8.92
C ASP A 515 -14.02 11.52 -8.93
N LEU A 516 -14.61 10.58 -8.18
CA LEU A 516 -16.09 10.40 -8.17
C LEU A 516 -16.87 11.66 -7.83
N LEU A 517 -16.33 12.41 -6.88
CA LEU A 517 -16.91 13.65 -6.42
C LEU A 517 -16.43 14.85 -7.23
N GLY A 518 -15.57 14.63 -8.23
CA GLY A 518 -14.91 15.72 -8.92
C GLY A 518 -14.15 16.65 -7.97
N LEU A 519 -13.13 16.10 -7.31
CA LEU A 519 -12.29 16.85 -6.41
C LEU A 519 -10.87 16.80 -6.91
N LYS A 520 -10.12 17.86 -6.65
CA LYS A 520 -8.68 17.87 -6.91
C LYS A 520 -8.04 17.20 -5.69
N PRO A 521 -7.32 16.07 -5.91
CA PRO A 521 -6.73 15.40 -4.75
C PRO A 521 -5.53 16.13 -4.18
N ALA A 522 -5.35 16.04 -2.90
CA ALA A 522 -4.15 16.51 -2.29
C ALA A 522 -3.01 15.61 -2.72
N PRO A 523 -1.76 16.12 -2.69
CA PRO A 523 -0.63 15.27 -3.06
C PRO A 523 -0.73 14.01 -2.24
N ASN A 524 -0.64 12.85 -2.87
CA ASN A 524 -0.64 11.65 -2.10
C ASN A 524 0.32 10.62 -2.62
N ASN A 525 0.25 9.39 -2.09
CA ASN A 525 1.12 8.34 -2.51
C ASN A 525 0.37 7.37 -3.38
N GLY A 526 -0.81 7.75 -3.84
CA GLY A 526 -1.52 7.03 -4.91
C GLY A 526 -1.13 7.60 -6.28
N THR A 527 -0.92 6.75 -7.28
CA THR A 527 -0.53 7.18 -8.63
C THR A 527 -1.78 7.47 -9.50
N HIS A 528 -2.23 8.71 -9.47
CA HIS A 528 -3.46 9.12 -10.17
C HIS A 528 -3.46 8.74 -11.66
N GLY A 529 -4.44 7.94 -12.06
CA GLY A 529 -4.49 7.33 -13.39
C GLY A 529 -4.28 5.83 -13.34
N SER A 530 -3.73 5.30 -12.26
CA SER A 530 -3.48 3.87 -12.20
C SER A 530 -4.76 3.04 -12.09
N LEU A 531 -5.89 3.69 -11.78
CA LEU A 531 -7.17 3.01 -11.55
C LEU A 531 -8.33 3.55 -12.35
N ASN A 532 -8.04 4.14 -13.50
CA ASN A 532 -9.09 4.52 -14.43
C ASN A 532 -9.89 3.34 -14.98
N HIS A 533 -9.27 2.16 -15.05
CA HIS A 533 -9.93 0.97 -15.57
C HIS A 533 -11.11 0.45 -14.71
N LEU A 534 -11.28 1.03 -13.53
CA LEU A 534 -12.48 0.81 -12.70
C LEU A 534 -13.66 1.68 -13.09
N LEU A 535 -13.39 2.85 -13.65
CA LEU A 535 -14.43 3.86 -13.89
C LEU A 535 -15.02 3.88 -15.29
N ARG A 536 -16.30 4.16 -15.36
CA ARG A 536 -16.94 4.40 -16.62
C ARG A 536 -16.53 5.77 -17.07
N THR A 537 -16.50 6.74 -16.15
CA THR A 537 -16.31 8.14 -16.52
C THR A 537 -15.18 8.86 -15.74
N ASN A 538 -14.13 9.18 -16.52
CA ASN A 538 -12.86 9.75 -16.06
C ASN A 538 -12.67 11.25 -16.29
N THR A 539 -12.68 12.03 -15.20
CA THR A 539 -12.19 13.40 -15.28
C THR A 539 -10.67 13.41 -15.64
N PHE A 540 -9.88 12.58 -14.95
CA PHE A 540 -8.41 12.68 -15.01
C PHE A 540 -7.74 11.95 -16.16
N ARG A 541 -7.05 12.71 -17.00
CA ARG A 541 -6.25 12.19 -18.12
C ARG A 541 -4.76 12.36 -17.77
N PRO A 542 -4.09 11.27 -17.37
CA PRO A 542 -2.75 11.40 -16.79
C PRO A 542 -1.66 11.77 -17.80
N THR A 543 -0.89 12.79 -17.46
CA THR A 543 0.09 13.36 -18.36
C THR A 543 1.50 12.96 -17.90
N MET A 544 2.22 12.28 -18.80
CA MET A 544 3.53 11.73 -18.54
C MET A 544 4.53 12.84 -18.21
N PRO A 545 5.32 12.71 -17.11
CA PRO A 545 6.14 13.85 -16.64
C PRO A 545 7.23 14.28 -17.63
N GLU A 546 7.46 15.58 -17.80
CA GLU A 546 8.50 16.04 -18.73
C GLU A 546 9.87 15.87 -18.11
N GLU A 547 10.84 15.64 -19.00
CA GLU A 547 12.20 15.27 -18.65
C GLU A 547 12.99 16.50 -18.25
N VAL A 548 13.84 16.39 -17.23
CA VAL A 548 14.56 17.59 -16.82
C VAL A 548 16.06 17.59 -17.15
N THR A 549 16.61 16.43 -17.51
CA THR A 549 17.99 16.40 -17.98
C THR A 549 18.11 15.60 -19.25
N ARG A 550 18.50 16.30 -20.32
CA ARG A 550 18.70 15.71 -21.64
C ARG A 550 20.01 14.96 -21.54
N PRO A 551 20.09 13.76 -22.09
CA PRO A 551 21.31 13.04 -21.94
C PRO A 551 22.33 13.57 -22.92
N ASN A 552 23.54 13.06 -22.81
CA ASN A 552 24.68 13.40 -23.68
C ASN A 552 25.17 12.12 -24.31
N TYR A 553 25.69 12.20 -25.52
CA TYR A 553 26.08 11.00 -26.21
C TYR A 553 27.54 11.19 -26.61
N PRO A 554 28.47 11.04 -25.66
CA PRO A 554 29.88 11.23 -25.95
C PRO A 554 30.38 10.25 -26.99
N GLY A 555 31.18 10.75 -27.93
CA GLY A 555 31.99 9.92 -28.81
C GLY A 555 33.32 9.60 -28.14
N ILE A 556 34.28 9.18 -28.94
CA ILE A 556 35.64 8.97 -28.43
C ILE A 556 36.27 10.34 -28.16
N MET A 557 36.51 10.64 -26.88
CA MET A 557 36.98 11.98 -26.47
C MET A 557 38.31 11.99 -25.72
N TYR A 558 38.83 10.84 -25.34
CA TYR A 558 40.05 10.80 -24.54
C TYR A 558 40.95 9.69 -25.01
N LEU A 559 42.17 9.67 -24.48
CA LEU A 559 43.21 8.76 -24.93
C LEU A 559 43.56 7.84 -23.78
N GLN A 560 43.70 6.53 -24.05
CA GLN A 560 44.00 5.54 -23.00
C GLN A 560 45.06 6.01 -21.99
N SER A 561 46.01 6.83 -22.43
CA SER A 561 47.13 7.32 -21.60
C SER A 561 46.82 8.46 -20.64
N ASP A 562 45.66 9.08 -20.79
CA ASP A 562 45.26 10.15 -19.88
C ASP A 562 44.86 9.56 -18.53
N PHE A 563 44.40 8.32 -18.55
CA PHE A 563 43.88 7.65 -17.38
C PHE A 563 44.97 7.11 -16.45
N ASP A 564 45.02 7.67 -15.23
CA ASP A 564 45.76 7.06 -14.14
C ASP A 564 44.76 6.60 -13.08
N LEU A 565 44.13 5.47 -13.34
CA LEU A 565 43.19 4.83 -12.41
C LEU A 565 43.88 3.78 -11.52
N GLY A 566 44.95 3.18 -12.00
CA GLY A 566 45.66 2.13 -11.27
C GLY A 566 45.13 0.74 -11.59
N CYS A 567 44.35 0.65 -12.67
CA CYS A 567 43.63 -0.59 -12.99
C CYS A 567 44.46 -1.44 -13.96
N THR A 568 44.63 -2.71 -13.59
CA THR A 568 45.38 -3.68 -14.37
C THR A 568 44.43 -4.53 -15.23
N CYS A 569 44.70 -4.56 -16.53
CA CYS A 569 43.96 -5.43 -17.45
C CYS A 569 44.89 -6.00 -18.52
N SER A 587 22.25 -1.39 -33.96
CA SER A 587 21.26 -2.39 -33.54
C SER A 587 21.47 -2.75 -32.07
N THR A 588 21.70 -1.73 -31.26
CA THR A 588 21.89 -1.88 -29.82
C THR A 588 20.60 -1.43 -29.11
N GLU A 589 20.21 -0.17 -29.32
CA GLU A 589 19.00 0.39 -28.72
C GLU A 589 17.75 -0.45 -29.05
N GLU A 590 17.64 -0.92 -30.29
CA GLU A 590 16.48 -1.72 -30.73
C GLU A 590 16.29 -3.04 -29.96
N ARG A 591 17.38 -3.64 -29.51
CA ARG A 591 17.34 -4.95 -28.81
C ARG A 591 17.44 -4.85 -27.27
N HIS A 592 18.20 -3.89 -26.75
CA HIS A 592 18.49 -3.85 -25.31
C HIS A 592 17.73 -2.81 -24.50
N LEU A 593 17.17 -1.82 -25.18
CA LEU A 593 16.33 -0.83 -24.54
C LEU A 593 14.96 -0.87 -25.22
N LEU A 594 14.00 -1.60 -24.64
CA LEU A 594 12.78 -1.97 -25.34
C LEU A 594 11.61 -0.98 -25.17
N TYR A 595 11.73 -0.09 -24.18
CA TYR A 595 10.63 0.78 -23.82
C TYR A 595 11.05 2.27 -23.84
N GLY A 596 12.12 2.57 -24.58
CA GLY A 596 12.70 3.92 -24.59
C GLY A 596 13.60 4.19 -23.39
N ARG A 597 14.46 5.20 -23.50
CA ARG A 597 15.39 5.54 -22.42
C ARG A 597 14.62 6.07 -21.21
N PRO A 598 15.01 5.62 -20.00
CA PRO A 598 14.48 6.19 -18.78
C PRO A 598 14.67 7.69 -18.79
N ALA A 599 13.69 8.44 -18.30
CA ALA A 599 13.82 9.88 -18.19
C ALA A 599 14.26 10.30 -16.78
N VAL A 600 15.33 11.09 -16.73
CA VAL A 600 15.85 11.65 -15.49
C VAL A 600 15.05 12.87 -15.13
N LEU A 601 14.40 12.82 -13.97
CA LEU A 601 13.49 13.88 -13.57
C LEU A 601 14.05 14.88 -12.55
N TYR A 602 15.37 14.96 -12.46
CA TYR A 602 16.04 15.96 -11.65
C TYR A 602 17.25 16.51 -12.41
N ARG A 603 17.78 17.66 -11.95
CA ARG A 603 18.90 18.32 -12.64
C ARG A 603 20.23 17.62 -12.34
N THR A 604 20.82 16.96 -13.32
CA THR A 604 22.13 16.29 -13.19
C THR A 604 22.79 16.25 -14.57
N ARG A 605 23.87 15.49 -14.73
CA ARG A 605 24.49 15.41 -16.03
C ARG A 605 24.86 13.97 -16.23
N TYR A 606 24.46 13.43 -17.37
CA TYR A 606 24.69 12.04 -17.68
C TYR A 606 24.86 11.85 -19.18
N ASP A 607 25.46 10.70 -19.48
CA ASP A 607 25.80 10.29 -20.83
C ASP A 607 25.20 8.91 -21.13
N ILE A 608 24.72 8.74 -22.35
CA ILE A 608 24.27 7.46 -22.77
C ILE A 608 25.47 6.78 -23.39
N LEU A 609 25.64 5.54 -22.99
CA LEU A 609 26.72 4.70 -23.39
C LEU A 609 26.16 3.39 -23.99
N TYR A 610 26.33 3.26 -25.30
CA TYR A 610 25.94 2.08 -26.01
C TYR A 610 27.02 0.99 -25.99
N HIS A 611 26.58 -0.27 -26.06
CA HIS A 611 27.47 -1.39 -26.28
C HIS A 611 26.67 -2.46 -27.00
N THR A 612 27.30 -3.58 -27.27
CA THR A 612 26.67 -4.63 -28.04
C THR A 612 25.61 -5.30 -27.21
N ASP A 613 26.03 -5.80 -26.06
CA ASP A 613 25.18 -6.58 -25.16
C ASP A 613 24.38 -5.77 -24.17
N PHE A 614 24.63 -4.46 -24.07
CA PHE A 614 23.86 -3.59 -23.20
C PHE A 614 24.06 -2.12 -23.45
N GLU A 615 23.25 -1.31 -22.78
CA GLU A 615 23.41 0.14 -22.79
C GLU A 615 23.21 0.75 -21.41
N SER A 616 23.68 1.98 -21.21
CA SER A 616 23.60 2.63 -19.91
C SER A 616 23.52 4.16 -19.92
N GLY A 617 22.90 4.68 -18.87
CA GLY A 617 22.92 6.10 -18.51
C GLY A 617 23.95 6.23 -17.40
N TYR A 618 25.06 6.91 -17.70
CA TYR A 618 26.16 7.02 -16.76
C TYR A 618 26.15 8.38 -16.08
N SER A 619 26.05 8.41 -14.75
CA SER A 619 26.06 9.69 -14.05
C SER A 619 27.46 10.18 -13.91
N GLU A 620 27.70 11.40 -14.39
CA GLU A 620 28.97 12.08 -14.17
C GLU A 620 29.05 12.66 -12.76
N ILE A 621 27.91 12.81 -12.08
CA ILE A 621 27.89 13.35 -10.72
C ILE A 621 28.10 12.23 -9.71
N PHE A 622 27.35 11.15 -9.85
CA PHE A 622 27.49 9.97 -8.98
C PHE A 622 28.56 8.94 -9.40
N LEU A 623 29.19 9.16 -10.54
CA LEU A 623 30.33 8.35 -10.98
C LEU A 623 30.00 6.86 -11.16
N MET A 624 28.78 6.59 -11.58
CA MET A 624 28.38 5.26 -11.98
C MET A 624 27.05 5.36 -12.67
N PRO A 625 26.58 4.26 -13.22
CA PRO A 625 25.37 4.40 -14.00
C PRO A 625 24.11 4.52 -13.18
N LEU A 626 23.22 5.42 -13.58
CA LEU A 626 21.92 5.52 -12.95
C LEU A 626 21.06 4.32 -13.30
N TRP A 627 21.30 3.80 -14.51
CA TRP A 627 20.59 2.66 -15.07
C TRP A 627 21.39 1.95 -16.16
N THR A 628 21.01 0.71 -16.41
CA THR A 628 21.71 -0.12 -17.34
C THR A 628 20.68 -1.08 -17.88
N SER A 629 20.37 -0.94 -19.17
CA SER A 629 19.40 -1.78 -19.82
C SER A 629 20.08 -2.91 -20.56
N TYR A 630 19.56 -4.12 -20.42
CA TYR A 630 19.94 -5.20 -21.32
C TYR A 630 18.87 -6.26 -21.45
N THR A 631 19.07 -7.13 -22.41
CA THR A 631 18.12 -8.15 -22.76
C THR A 631 18.84 -9.49 -22.92
N VAL A 632 18.21 -10.55 -22.42
CA VAL A 632 18.77 -11.88 -22.45
C VAL A 632 17.79 -12.77 -23.17
N SER A 633 18.22 -13.53 -24.15
CA SER A 633 17.29 -14.42 -24.88
C SER A 633 16.97 -15.67 -24.05
N LYS A 634 15.95 -16.39 -24.51
CA LYS A 634 15.56 -17.65 -23.89
C LYS A 634 16.69 -18.69 -24.00
N GLN A 635 17.36 -18.66 -25.15
CA GLN A 635 18.41 -19.65 -25.48
C GLN A 635 19.83 -19.20 -25.12
N ALA A 636 19.97 -18.12 -24.35
CA ALA A 636 21.27 -17.45 -24.15
C ALA A 636 22.37 -18.39 -23.65
N THR A 646 40.01 -11.13 -15.92
CA THR A 646 39.02 -11.05 -14.83
C THR A 646 39.15 -9.74 -14.03
N SER A 647 40.03 -9.69 -13.03
CA SER A 647 40.29 -8.46 -12.25
C SER A 647 40.64 -7.27 -13.15
N CYS A 648 40.68 -7.54 -14.46
CA CYS A 648 40.75 -6.52 -15.48
C CYS A 648 39.68 -5.48 -15.28
N VAL A 649 40.10 -4.21 -15.29
CA VAL A 649 39.20 -3.06 -15.43
C VAL A 649 39.81 -2.11 -16.42
N ARG A 650 39.11 -1.84 -17.51
CA ARG A 650 39.64 -0.98 -18.56
C ARG A 650 38.93 0.34 -18.39
N PRO A 651 39.61 1.45 -18.71
CA PRO A 651 38.97 2.78 -18.76
C PRO A 651 38.16 3.02 -20.04
N ASP A 652 37.19 3.90 -19.95
CA ASP A 652 36.28 4.12 -21.05
C ASP A 652 36.56 5.43 -21.66
N VAL A 653 36.86 5.41 -22.95
CA VAL A 653 37.37 6.60 -23.59
C VAL A 653 36.30 7.66 -23.86
N ARG A 654 35.03 7.35 -23.64
CA ARG A 654 33.94 8.32 -23.79
C ARG A 654 33.76 9.17 -22.56
N VAL A 655 34.39 8.77 -21.47
CA VAL A 655 34.24 9.45 -20.19
C VAL A 655 35.60 9.92 -19.65
N SER A 656 35.64 11.19 -19.24
CA SER A 656 36.82 11.82 -18.65
C SER A 656 37.36 11.00 -17.48
N PRO A 657 38.67 10.99 -17.30
CA PRO A 657 39.17 10.29 -16.13
C PRO A 657 38.59 10.89 -14.86
N SER A 658 38.41 12.21 -14.89
CA SER A 658 37.90 12.98 -13.75
C SER A 658 36.45 12.63 -13.38
N PHE A 659 35.66 12.16 -14.33
CA PHE A 659 34.38 11.62 -14.00
C PHE A 659 34.32 10.09 -13.99
N SER A 660 35.39 9.45 -13.51
CA SER A 660 35.45 7.99 -13.49
C SER A 660 35.96 7.47 -12.17
N GLN A 661 35.61 6.24 -11.83
CA GLN A 661 36.08 5.60 -10.59
C GLN A 661 37.50 5.11 -10.83
N ASN A 662 38.15 4.58 -9.80
CA ASN A 662 39.44 3.95 -10.00
C ASN A 662 39.64 2.79 -9.07
N CYS A 663 40.39 1.80 -9.52
CA CYS A 663 40.61 0.61 -8.72
C CYS A 663 41.37 0.87 -7.43
N LEU A 664 42.13 1.95 -7.34
CA LEU A 664 43.05 2.08 -6.20
C LEU A 664 42.32 2.37 -4.87
N ALA A 665 41.08 2.87 -4.96
CA ALA A 665 40.23 3.06 -3.78
C ALA A 665 39.81 1.70 -3.25
N TYR A 666 39.17 0.88 -4.09
CA TYR A 666 38.71 -0.47 -3.69
C TYR A 666 39.84 -1.35 -3.18
N LYS A 667 41.02 -1.13 -3.77
CA LYS A 667 42.29 -1.68 -3.31
C LYS A 667 42.62 -1.17 -1.91
N ASN A 668 42.36 0.11 -1.66
CA ASN A 668 42.59 0.75 -0.32
C ASN A 668 41.47 0.61 0.73
N ASP A 669 40.29 0.14 0.33
CA ASP A 669 39.17 -0.04 1.25
C ASP A 669 39.09 -1.53 1.55
N LYS A 670 39.43 -1.85 2.79
CA LYS A 670 39.39 -3.22 3.28
C LYS A 670 37.99 -3.81 3.08
N GLN A 671 36.97 -3.04 3.46
CA GLN A 671 35.61 -3.57 3.47
C GLN A 671 34.93 -3.56 2.09
N MET A 672 35.41 -2.75 1.14
CA MET A 672 34.76 -2.61 -0.19
C MET A 672 35.46 -3.27 -1.40
N SER A 673 34.65 -3.97 -2.19
CA SER A 673 35.00 -4.46 -3.51
C SER A 673 34.09 -3.82 -4.57
N TYR A 674 34.02 -4.44 -5.74
CA TYR A 674 33.16 -3.94 -6.77
C TYR A 674 32.52 -5.04 -7.59
N GLY A 675 31.50 -4.66 -8.34
CA GLY A 675 30.90 -5.55 -9.29
C GLY A 675 30.42 -4.78 -10.49
N PHE A 676 29.84 -5.49 -11.42
CA PHE A 676 29.31 -4.85 -12.59
C PHE A 676 27.78 -4.89 -12.64
N LEU A 677 27.19 -3.90 -13.30
CA LEU A 677 25.74 -3.87 -13.45
C LEU A 677 25.31 -4.69 -14.64
N PHE A 678 26.15 -4.79 -15.68
CA PHE A 678 25.91 -5.79 -16.73
C PHE A 678 26.95 -6.87 -16.55
N PRO A 679 26.53 -8.12 -16.38
CA PRO A 679 27.47 -9.17 -16.04
C PRO A 679 28.25 -9.67 -17.24
N PRO A 680 29.58 -9.82 -17.07
CA PRO A 680 30.44 -10.50 -18.04
C PRO A 680 29.93 -11.87 -18.45
N TYR A 681 29.48 -12.68 -17.49
CA TYR A 681 28.96 -14.06 -17.74
C TYR A 681 27.89 -14.22 -18.85
N LEU A 682 27.17 -13.13 -19.17
CA LEU A 682 26.15 -13.17 -20.22
C LEU A 682 26.59 -12.50 -21.50
N SER A 683 27.84 -12.69 -21.88
CA SER A 683 28.38 -11.92 -23.01
C SER A 683 28.18 -12.60 -24.36
N SER A 684 27.63 -11.87 -25.32
CA SER A 684 27.35 -12.44 -26.63
C SER A 684 28.63 -12.92 -27.35
N SER A 685 29.80 -12.39 -26.99
CA SER A 685 31.08 -12.80 -27.59
C SER A 685 32.29 -12.51 -26.69
N PRO A 686 33.42 -13.21 -26.92
CA PRO A 686 34.66 -12.85 -26.21
C PRO A 686 35.06 -11.41 -26.46
N GLU A 687 35.01 -10.97 -27.72
CA GLU A 687 35.29 -9.58 -28.07
C GLU A 687 34.34 -8.64 -27.29
N ALA A 688 33.04 -8.93 -27.32
CA ALA A 688 32.06 -8.08 -26.63
C ALA A 688 32.29 -8.02 -25.13
N LYS A 689 32.77 -9.15 -24.59
CA LYS A 689 33.08 -9.30 -23.16
C LYS A 689 33.98 -8.19 -22.66
N TYR A 690 34.83 -7.65 -23.52
CA TYR A 690 35.72 -6.60 -23.10
C TYR A 690 35.03 -5.27 -22.79
N ASP A 691 33.78 -5.09 -23.22
CA ASP A 691 33.00 -3.94 -22.73
C ASP A 691 32.52 -4.11 -21.27
N ALA A 692 32.18 -5.33 -20.89
CA ALA A 692 31.67 -5.56 -19.57
C ALA A 692 32.68 -5.13 -18.51
N PHE A 693 33.95 -5.09 -18.84
CA PHE A 693 34.93 -4.74 -17.84
C PHE A 693 35.22 -3.24 -17.81
N LEU A 694 34.57 -2.47 -18.68
CA LEU A 694 34.71 -1.01 -18.65
C LEU A 694 34.38 -0.44 -17.26
N VAL A 695 35.15 0.59 -16.87
CA VAL A 695 34.99 1.28 -15.59
C VAL A 695 33.63 1.94 -15.49
N THR A 696 33.04 2.30 -16.61
CA THR A 696 31.67 2.84 -16.62
C THR A 696 30.60 1.81 -16.29
N ASN A 697 30.96 0.53 -16.25
CA ASN A 697 30.03 -0.57 -15.93
C ASN A 697 30.21 -1.07 -14.51
N MET A 698 31.10 -0.47 -13.75
CA MET A 698 31.46 -0.99 -12.45
C MET A 698 30.67 -0.29 -11.33
N VAL A 699 30.44 -1.01 -10.23
CA VAL A 699 29.81 -0.39 -9.08
C VAL A 699 30.35 -0.93 -7.79
N PRO A 700 30.36 -0.11 -6.71
CA PRO A 700 30.80 -0.55 -5.38
C PRO A 700 29.89 -1.62 -4.80
N MET A 701 30.49 -2.70 -4.28
CA MET A 701 29.80 -3.79 -3.63
C MET A 701 30.60 -4.37 -2.47
N TYR A 702 29.94 -4.57 -1.32
CA TYR A 702 30.51 -5.31 -0.21
C TYR A 702 30.58 -6.75 -0.65
N PRO A 703 31.65 -7.45 -0.26
CA PRO A 703 31.80 -8.90 -0.49
C PRO A 703 30.60 -9.76 -0.07
N ALA A 704 29.97 -9.46 1.07
CA ALA A 704 28.75 -10.18 1.46
C ALA A 704 27.65 -10.00 0.43
N PHE A 705 27.59 -8.83 -0.18
CA PHE A 705 26.64 -8.58 -1.23
C PHE A 705 27.00 -9.24 -2.59
N LYS A 706 28.28 -9.36 -2.91
CA LYS A 706 28.63 -9.98 -4.19
C LYS A 706 27.96 -11.36 -4.27
N ARG A 707 27.98 -12.09 -3.13
CA ARG A 707 27.41 -13.43 -3.04
C ARG A 707 26.02 -13.44 -3.59
N VAL A 708 25.23 -12.49 -3.11
CA VAL A 708 23.88 -12.33 -3.59
C VAL A 708 23.85 -11.90 -5.05
N TRP A 709 24.62 -10.86 -5.38
CA TRP A 709 24.50 -10.22 -6.71
C TRP A 709 25.01 -11.16 -7.82
N ASN A 710 26.13 -11.78 -7.56
CA ASN A 710 26.63 -12.78 -8.48
C ASN A 710 25.62 -13.86 -8.74
N TYR A 711 25.00 -14.35 -7.68
CA TYR A 711 23.96 -15.35 -7.86
C TYR A 711 22.75 -14.85 -8.69
N PHE A 712 22.34 -13.60 -8.49
CA PHE A 712 21.26 -13.04 -9.27
C PHE A 712 21.60 -12.99 -10.76
N GLN A 713 22.81 -12.53 -11.08
CA GLN A 713 23.23 -12.37 -12.48
C GLN A 713 23.63 -13.64 -13.21
N ARG A 714 24.35 -14.55 -12.56
CA ARG A 714 24.81 -15.78 -13.22
C ARG A 714 23.78 -16.92 -13.23
N VAL A 715 22.86 -16.92 -12.27
CA VAL A 715 21.89 -17.99 -12.20
C VAL A 715 20.47 -17.50 -12.54
N LEU A 716 20.00 -16.47 -11.82
CA LEU A 716 18.57 -16.15 -11.83
C LEU A 716 18.09 -15.55 -13.14
N VAL A 717 18.76 -14.50 -13.61
CA VAL A 717 18.38 -13.84 -14.86
C VAL A 717 18.17 -14.90 -15.96
N LYS A 718 19.09 -15.86 -16.08
CA LYS A 718 18.97 -16.94 -17.08
C LYS A 718 17.74 -17.79 -16.76
N LYS A 719 17.54 -18.10 -15.48
CA LYS A 719 16.41 -18.92 -15.05
C LYS A 719 15.13 -18.23 -15.46
N TYR A 720 15.06 -16.94 -15.22
CA TYR A 720 13.90 -16.15 -15.59
C TYR A 720 13.74 -16.17 -17.09
N ALA A 721 14.86 -15.95 -17.79
CA ALA A 721 14.84 -15.93 -19.24
C ALA A 721 14.22 -17.17 -19.85
N SER A 722 14.60 -18.34 -19.33
CA SER A 722 13.94 -19.59 -19.69
C SER A 722 12.45 -19.48 -19.41
N GLU A 723 12.13 -19.25 -18.14
CA GLU A 723 10.73 -19.22 -17.65
C GLU A 723 9.82 -18.26 -18.45
N ARG A 724 10.31 -17.07 -18.78
CA ARG A 724 9.44 -16.00 -19.25
C ARG A 724 9.57 -15.68 -20.74
N ASN A 725 10.33 -16.49 -21.46
CA ASN A 725 10.70 -16.24 -22.88
C ASN A 725 11.54 -14.98 -23.14
N GLY A 726 12.75 -15.02 -22.64
CA GLY A 726 13.60 -13.85 -22.64
C GLY A 726 13.11 -12.84 -21.63
N VAL A 727 14.02 -11.97 -21.21
CA VAL A 727 13.67 -10.86 -20.33
C VAL A 727 14.47 -9.62 -20.68
N ASN A 728 13.90 -8.46 -20.40
CA ASN A 728 14.66 -7.23 -20.41
C ASN A 728 14.87 -6.76 -18.99
N VAL A 729 16.14 -6.69 -18.60
CA VAL A 729 16.56 -6.25 -17.28
C VAL A 729 16.98 -4.78 -17.28
N ILE A 730 16.65 -4.04 -16.22
CA ILE A 730 17.19 -2.70 -15.98
C ILE A 730 17.64 -2.53 -14.51
N SER A 731 18.92 -2.68 -14.25
CA SER A 731 19.39 -2.60 -12.87
C SER A 731 20.04 -1.26 -12.64
N GLY A 732 20.24 -0.92 -11.38
CA GLY A 732 20.88 0.34 -11.05
C GLY A 732 20.94 0.54 -9.56
N PRO A 733 21.46 1.69 -9.13
CA PRO A 733 21.77 1.88 -7.74
C PRO A 733 20.86 2.88 -7.09
N ILE A 734 20.79 2.82 -5.77
CA ILE A 734 19.92 3.68 -5.02
C ILE A 734 20.64 4.21 -3.81
N PHE A 735 20.40 5.49 -3.57
CA PHE A 735 20.94 6.25 -2.45
C PHE A 735 19.75 6.78 -1.64
N ASP A 736 19.49 6.17 -0.48
CA ASP A 736 18.47 6.68 0.44
C ASP A 736 18.95 6.61 1.85
N TYR A 737 19.95 7.42 2.16
CA TYR A 737 20.57 7.50 3.50
C TYR A 737 19.64 8.13 4.56
N ASP A 738 18.67 8.90 4.11
CA ASP A 738 17.65 9.41 5.01
C ASP A 738 16.40 8.52 5.06
N TYR A 739 16.42 7.37 4.37
CA TYR A 739 15.32 6.41 4.34
C TYR A 739 13.92 7.05 4.27
N ASP A 740 13.76 8.12 3.49
CA ASP A 740 12.45 8.78 3.27
C ASP A 740 11.69 8.22 2.06
N GLY A 741 12.29 7.24 1.37
CA GLY A 741 11.75 6.70 0.12
C GLY A 741 11.99 7.54 -1.11
N LEU A 742 12.77 8.61 -0.97
CA LEU A 742 13.05 9.52 -2.08
C LEU A 742 14.53 9.66 -2.34
N HIS A 743 14.82 9.75 -3.62
CA HIS A 743 16.16 9.93 -4.14
C HIS A 743 16.90 11.01 -3.39
N ASP A 744 18.09 10.67 -2.91
CA ASP A 744 18.93 11.62 -2.17
C ASP A 744 19.70 12.52 -3.13
N THR A 745 19.84 13.79 -2.73
CA THR A 745 20.88 14.68 -3.26
C THR A 745 22.24 14.23 -2.70
N GLU A 746 23.32 14.66 -3.33
CA GLU A 746 24.65 14.21 -2.94
C GLU A 746 25.01 14.56 -1.48
N ASP A 747 24.49 15.67 -0.95
CA ASP A 747 24.79 16.08 0.44
C ASP A 747 24.18 15.18 1.49
N LYS A 748 23.24 14.32 1.08
CA LYS A 748 22.64 13.31 1.96
C LYS A 748 23.54 12.09 2.18
N ILE A 749 24.38 11.78 1.21
CA ILE A 749 25.18 10.55 1.26
C ILE A 749 26.21 10.58 2.38
N LYS A 750 26.22 9.53 3.20
CA LYS A 750 27.08 9.50 4.35
C LYS A 750 28.24 8.51 4.19
N GLN A 751 28.27 7.74 3.10
CA GLN A 751 29.37 6.78 2.85
C GLN A 751 30.00 6.84 1.46
N TYR A 752 31.32 6.83 1.45
CA TYR A 752 32.12 6.85 0.23
C TYR A 752 33.14 5.76 0.36
N VAL A 753 33.68 5.32 -0.76
CA VAL A 753 34.77 4.36 -0.74
C VAL A 753 36.01 5.11 -0.24
N GLU A 754 36.60 4.65 0.86
CA GLU A 754 37.81 5.22 1.46
C GLU A 754 38.60 6.19 0.57
N GLY A 755 38.54 7.48 0.95
CA GLY A 755 39.33 8.52 0.31
C GLY A 755 38.90 9.02 -1.06
N SER A 756 37.80 8.47 -1.58
CA SER A 756 37.35 8.79 -2.91
C SER A 756 36.10 9.60 -2.75
N SER A 757 35.50 9.94 -3.88
CA SER A 757 34.20 10.58 -3.89
C SER A 757 33.25 9.64 -4.61
N ILE A 758 33.46 8.34 -4.45
CA ILE A 758 32.56 7.34 -5.08
C ILE A 758 31.49 6.99 -4.06
N PRO A 759 30.23 7.35 -4.33
CA PRO A 759 29.20 7.13 -3.33
C PRO A 759 28.78 5.68 -3.25
N VAL A 760 28.61 5.18 -2.03
CA VAL A 760 28.19 3.79 -1.78
C VAL A 760 26.67 3.71 -1.80
N PRO A 761 26.09 2.93 -2.75
CA PRO A 761 24.64 2.83 -2.74
C PRO A 761 24.09 2.07 -1.52
N THR A 762 22.86 2.41 -1.11
CA THR A 762 22.17 1.72 -0.01
C THR A 762 21.46 0.48 -0.52
N HIS A 763 21.04 0.53 -1.79
CA HIS A 763 20.22 -0.52 -2.37
C HIS A 763 20.58 -0.58 -3.82
N TYR A 764 20.31 -1.72 -4.41
CA TYR A 764 20.46 -1.86 -5.83
C TYR A 764 19.12 -2.37 -6.33
N TYR A 765 18.64 -1.81 -7.45
CA TYR A 765 17.38 -2.24 -8.05
C TYR A 765 17.53 -3.02 -9.33
N SER A 766 16.44 -3.69 -9.68
CA SER A 766 16.30 -4.33 -10.99
C SER A 766 14.83 -4.41 -11.31
N ILE A 767 14.51 -4.09 -12.55
CA ILE A 767 13.19 -4.22 -13.13
C ILE A 767 13.34 -5.25 -14.23
N ILE A 768 12.57 -6.32 -14.22
CA ILE A 768 12.69 -7.40 -15.20
C ILE A 768 11.39 -7.56 -15.97
N THR A 769 11.42 -7.35 -17.28
CA THR A 769 10.17 -7.30 -18.06
C THR A 769 10.12 -8.35 -19.18
N SER A 770 8.91 -8.79 -19.49
CA SER A 770 8.67 -9.66 -20.62
C SER A 770 7.21 -9.48 -21.03
N CYS A 771 6.82 -10.15 -22.11
CA CYS A 771 5.45 -10.07 -22.59
C CYS A 771 4.55 -10.87 -21.69
N LEU A 772 3.37 -10.34 -21.40
CA LEU A 772 2.41 -11.07 -20.59
C LEU A 772 2.08 -12.42 -21.21
N ASP A 773 1.55 -12.39 -22.43
CA ASP A 773 1.51 -13.56 -23.27
C ASP A 773 2.95 -14.05 -23.53
N PHE A 774 3.40 -14.95 -22.66
CA PHE A 774 4.76 -15.51 -22.68
C PHE A 774 5.19 -16.21 -23.99
N THR A 775 4.25 -16.69 -24.79
CA THR A 775 4.61 -17.39 -26.06
C THR A 775 5.26 -16.46 -27.08
N GLN A 776 5.24 -15.17 -26.83
CA GLN A 776 6.01 -14.22 -27.60
C GLN A 776 7.29 -13.97 -26.84
N PRO A 777 8.44 -13.84 -27.54
CA PRO A 777 9.72 -13.56 -26.88
C PRO A 777 9.85 -12.11 -26.49
N ALA A 778 10.64 -11.81 -25.46
CA ALA A 778 10.60 -10.48 -24.84
C ALA A 778 10.83 -9.34 -25.83
N ASP A 779 11.87 -9.46 -26.65
CA ASP A 779 12.25 -8.38 -27.56
C ASP A 779 11.23 -8.12 -28.66
N LYS A 780 10.41 -9.12 -29.01
CA LYS A 780 9.41 -8.97 -30.08
C LYS A 780 7.97 -9.05 -29.54
N CYS A 781 7.75 -8.44 -28.38
CA CYS A 781 6.43 -8.40 -27.75
C CYS A 781 5.59 -7.32 -28.41
N ASP A 782 4.27 -7.54 -28.47
CA ASP A 782 3.34 -6.70 -29.22
C ASP A 782 2.02 -6.47 -28.46
N GLY A 783 2.09 -6.48 -27.14
CA GLY A 783 0.89 -6.50 -26.31
C GLY A 783 1.22 -6.14 -24.88
N PRO A 784 0.46 -6.69 -23.93
CA PRO A 784 0.70 -6.30 -22.53
C PRO A 784 1.97 -6.89 -21.92
N LEU A 785 2.55 -6.15 -20.99
CA LEU A 785 3.79 -6.50 -20.34
C LEU A 785 3.61 -7.22 -18.98
N SER A 786 4.58 -8.05 -18.65
CA SER A 786 4.71 -8.63 -17.32
C SER A 786 5.99 -8.07 -16.67
N VAL A 787 5.84 -7.44 -15.50
CA VAL A 787 6.97 -6.86 -14.75
C VAL A 787 7.12 -7.46 -13.33
N SER A 788 8.36 -7.58 -12.89
CA SER A 788 8.70 -7.97 -11.53
C SER A 788 9.95 -7.19 -11.15
N SER A 789 10.19 -6.93 -9.88
CA SER A 789 11.23 -5.97 -9.52
C SER A 789 11.51 -6.04 -8.06
N PHE A 790 12.68 -5.60 -7.66
CA PHE A 790 13.07 -5.72 -6.28
C PHE A 790 14.10 -4.67 -5.94
N ILE A 791 14.26 -4.43 -4.65
CA ILE A 791 15.15 -3.40 -4.15
C ILE A 791 15.93 -4.04 -3.03
N LEU A 792 17.07 -4.61 -3.39
CA LEU A 792 17.87 -5.37 -2.46
C LEU A 792 18.67 -4.44 -1.60
N PRO A 793 18.58 -4.61 -0.28
CA PRO A 793 19.38 -3.73 0.54
C PRO A 793 20.87 -4.04 0.39
N HIS A 794 21.68 -3.00 0.32
CA HIS A 794 23.11 -3.17 0.13
C HIS A 794 23.86 -3.30 1.50
N ARG A 795 24.01 -4.53 2.00
CA ARG A 795 24.53 -4.71 3.38
C ARG A 795 25.92 -5.40 3.39
N PRO A 796 26.79 -5.02 4.34
CA PRO A 796 28.11 -5.61 4.48
C PRO A 796 28.11 -7.01 5.13
N ASP A 797 26.94 -7.50 5.52
CA ASP A 797 26.83 -8.83 6.08
C ASP A 797 25.49 -9.37 5.63
N ASN A 798 25.26 -10.65 5.89
CA ASN A 798 24.00 -11.28 5.50
C ASN A 798 23.23 -11.72 6.75
N GLU A 799 23.46 -11.04 7.87
CA GLU A 799 22.73 -11.37 9.12
C GLU A 799 21.17 -11.45 8.97
N GLU A 800 20.61 -10.84 7.93
CA GLU A 800 19.20 -10.96 7.65
C GLU A 800 18.80 -12.35 7.09
N SER A 801 19.73 -13.04 6.43
CA SER A 801 19.42 -14.36 5.90
C SER A 801 20.02 -15.45 6.79
N CYS A 802 19.19 -16.17 7.55
CA CYS A 802 19.71 -17.13 8.51
C CYS A 802 20.41 -18.34 7.86
N ASN A 803 20.01 -18.67 6.64
CA ASN A 803 20.56 -19.83 5.91
C ASN A 803 21.72 -19.46 4.96
N SER A 804 22.39 -18.33 5.21
CA SER A 804 23.46 -17.83 4.32
C SER A 804 24.78 -18.57 4.48
N SER A 805 24.83 -19.51 5.43
CA SER A 805 25.95 -20.46 5.57
C SER A 805 25.93 -21.45 4.41
N GLU A 806 24.73 -21.87 4.00
CA GLU A 806 24.58 -22.75 2.86
C GLU A 806 24.74 -21.99 1.52
N ASP A 807 24.85 -22.76 0.43
CA ASP A 807 24.97 -22.24 -0.95
C ASP A 807 23.85 -21.27 -1.33
N GLU A 808 24.19 -20.35 -2.23
CA GLU A 808 23.27 -19.30 -2.66
C GLU A 808 21.87 -19.81 -3.08
N SER A 809 21.77 -21.00 -3.66
CA SER A 809 20.50 -21.51 -4.17
C SER A 809 19.53 -21.92 -3.07
N LYS A 810 19.91 -21.74 -1.81
CA LYS A 810 19.04 -22.05 -0.69
C LYS A 810 18.42 -20.83 0.01
N TRP A 811 18.79 -19.61 -0.41
CA TRP A 811 18.44 -18.39 0.37
C TRP A 811 18.36 -17.04 -0.36
N VAL A 812 19.13 -16.89 -1.43
CA VAL A 812 19.14 -15.66 -2.19
C VAL A 812 17.75 -15.34 -2.75
N GLU A 813 17.11 -16.29 -3.42
CA GLU A 813 15.80 -16.00 -4.01
C GLU A 813 14.79 -15.63 -2.92
N GLU A 814 14.87 -16.33 -1.78
CA GLU A 814 14.05 -16.04 -0.61
C GLU A 814 14.24 -14.61 -0.14
N LEU A 815 15.47 -14.11 -0.17
CA LEU A 815 15.77 -12.70 0.17
C LEU A 815 15.11 -11.75 -0.84
N MET A 816 15.21 -12.13 -2.11
CA MET A 816 14.75 -11.30 -3.19
C MET A 816 13.25 -11.18 -3.20
N LYS A 817 12.56 -12.29 -2.94
CA LYS A 817 11.11 -12.29 -2.76
C LYS A 817 10.67 -11.36 -1.64
N MET A 818 11.46 -11.28 -0.58
CA MET A 818 11.15 -10.40 0.52
C MET A 818 11.32 -8.93 0.12
N HIS A 819 12.29 -8.62 -0.76
CA HIS A 819 12.50 -7.24 -1.17
C HIS A 819 11.96 -6.87 -2.55
N THR A 820 10.95 -7.63 -2.98
CA THR A 820 10.16 -7.33 -4.18
C THR A 820 9.63 -5.92 -4.10
N ALA A 821 9.36 -5.32 -5.25
CA ALA A 821 8.97 -3.93 -5.29
C ALA A 821 8.12 -3.60 -6.49
N ARG A 822 7.42 -2.47 -6.39
CA ARG A 822 6.75 -1.85 -7.53
C ARG A 822 7.73 -0.96 -8.27
N VAL A 823 7.57 -0.91 -9.59
CA VAL A 823 8.38 -0.02 -10.43
C VAL A 823 8.28 1.42 -9.93
N ARG A 824 7.09 1.82 -9.52
CA ARG A 824 6.86 3.16 -9.02
C ARG A 824 7.69 3.43 -7.78
N ASP A 825 7.87 2.38 -6.96
CA ASP A 825 8.73 2.45 -5.78
C ASP A 825 10.16 2.75 -6.17
N ILE A 826 10.64 2.18 -7.27
CA ILE A 826 12.00 2.46 -7.73
C ILE A 826 12.09 3.87 -8.35
N GLU A 827 11.01 4.29 -9.00
CA GLU A 827 10.97 5.63 -9.59
C GLU A 827 11.22 6.66 -8.50
N HIS A 828 10.50 6.57 -7.38
CA HIS A 828 10.74 7.53 -6.29
C HIS A 828 12.17 7.53 -5.80
N LEU A 829 12.76 6.36 -5.70
CA LEU A 829 14.10 6.21 -5.16
C LEU A 829 15.20 6.62 -6.12
N THR A 830 14.92 6.64 -7.43
CA THR A 830 15.90 7.01 -8.46
C THR A 830 15.61 8.32 -9.20
N SER A 831 14.42 8.89 -8.98
CA SER A 831 13.90 10.02 -9.77
C SER A 831 13.93 9.81 -11.28
N LEU A 832 13.88 8.57 -11.72
CA LEU A 832 13.88 8.22 -13.14
C LEU A 832 12.45 8.01 -13.57
N ASP A 833 12.25 7.71 -14.84
CA ASP A 833 10.90 7.44 -15.33
C ASP A 833 10.98 6.39 -16.43
N PHE A 834 10.46 5.20 -16.13
CA PHE A 834 10.54 4.03 -17.01
C PHE A 834 9.28 3.87 -17.90
N PHE A 835 9.40 3.01 -18.91
CA PHE A 835 8.27 2.60 -19.78
C PHE A 835 7.58 3.76 -20.52
N ARG A 836 8.30 4.45 -21.39
CA ARG A 836 7.77 5.65 -22.04
C ARG A 836 7.39 5.50 -23.52
N LYS A 837 8.11 4.65 -24.25
CA LYS A 837 7.73 4.30 -25.61
C LYS A 837 7.32 2.81 -25.65
N THR A 838 6.00 2.59 -25.57
CA THR A 838 5.40 1.28 -25.74
C THR A 838 4.16 1.47 -26.64
N SER A 839 3.57 0.37 -27.07
CA SER A 839 2.30 0.46 -27.81
C SER A 839 1.09 0.65 -26.88
N ARG A 840 1.34 0.86 -25.59
CA ARG A 840 0.30 0.82 -24.58
C ARG A 840 -0.14 2.21 -24.17
N SER A 841 -1.39 2.33 -23.74
CA SER A 841 -1.89 3.63 -23.29
C SER A 841 -1.28 3.96 -21.94
N TYR A 842 -1.16 5.24 -21.65
CA TYR A 842 -0.39 5.64 -20.50
C TYR A 842 -1.06 5.31 -19.16
N PRO A 843 -2.40 5.22 -19.14
CA PRO A 843 -3.05 4.69 -17.93
C PRO A 843 -2.66 3.22 -17.59
N GLU A 844 -2.49 2.40 -18.62
CA GLU A 844 -2.10 1.03 -18.45
C GLU A 844 -0.64 0.86 -17.97
N ILE A 845 0.28 1.64 -18.51
CA ILE A 845 1.64 1.67 -17.99
C ILE A 845 1.64 2.11 -16.51
N LEU A 846 0.77 3.05 -16.15
CA LEU A 846 0.61 3.43 -14.74
C LEU A 846 0.14 2.23 -13.91
N THR A 847 -0.75 1.40 -14.43
CA THR A 847 -1.18 0.21 -13.70
C THR A 847 -0.07 -0.86 -13.61
N LEU A 848 0.78 -0.92 -14.63
CA LEU A 848 1.90 -1.84 -14.63
C LEU A 848 2.98 -1.33 -13.68
N LYS A 849 3.09 -0.01 -13.59
CA LYS A 849 4.03 0.61 -12.67
C LYS A 849 3.68 0.40 -11.19
N THR A 850 2.40 0.19 -10.89
CA THR A 850 1.98 -0.02 -9.51
C THR A 850 1.89 -1.48 -9.17
N TYR A 851 2.09 -2.37 -10.13
CA TYR A 851 1.98 -3.79 -9.85
C TYR A 851 3.11 -4.22 -8.94
N LEU A 852 2.83 -5.20 -8.08
CA LEU A 852 3.82 -5.79 -7.19
C LEU A 852 3.66 -7.32 -7.22
N HIS A 853 4.70 -8.04 -7.60
CA HIS A 853 4.72 -9.49 -7.58
C HIS A 853 4.87 -9.81 -6.10
N THR A 854 3.92 -10.54 -5.52
CA THR A 854 3.93 -10.85 -4.10
C THR A 854 4.66 -12.15 -3.84
N TYR A 855 4.43 -13.16 -4.69
CA TYR A 855 4.98 -14.53 -4.53
C TYR A 855 4.19 -15.35 -3.50
N GLU A 856 2.86 -15.36 -3.64
CA GLU A 856 1.95 -16.09 -2.73
C GLU A 856 2.02 -17.59 -2.93
C1 NAG B . 4.00 10.41 -0.19
C2 NAG B . 5.50 10.65 -0.27
C3 NAG B . 5.94 11.69 0.72
C4 NAG B . 5.13 12.93 0.46
C5 NAG B . 3.65 12.61 0.47
C6 NAG B . 2.79 13.84 0.16
C7 NAG B . 6.61 8.64 -1.04
C8 NAG B . 7.42 7.43 -0.73
N2 NAG B . 6.26 9.44 -0.04
O3 NAG B . 7.30 12.04 0.56
O4 NAG B . 5.45 13.74 1.56
O5 NAG B . 3.39 11.63 -0.48
O6 NAG B . 3.18 14.43 -1.06
O7 NAG B . 6.30 8.86 -2.21
C1 NAG B . 5.73 15.08 1.18
C2 NAG B . 5.64 15.81 2.49
C3 NAG B . 6.07 17.25 2.29
C4 NAG B . 7.44 17.28 1.62
C5 NAG B . 7.46 16.45 0.34
C6 NAG B . 8.86 16.34 -0.24
C7 NAG B . 3.76 14.68 3.64
C8 NAG B . 2.34 14.81 4.05
N2 NAG B . 4.27 15.74 2.98
O3 NAG B . 6.13 17.84 3.57
O4 NAG B . 7.74 18.59 1.23
O5 NAG B . 7.01 15.14 0.62
O6 NAG B . 9.79 15.97 0.76
O7 NAG B . 4.40 13.63 3.91
C1 BMA B . 8.25 19.44 2.28
C2 BMA B . 9.28 20.34 1.61
C3 BMA B . 9.72 21.47 2.52
C4 BMA B . 8.49 22.20 3.09
C5 BMA B . 7.53 21.23 3.79
C6 BMA B . 6.24 21.86 4.32
O2 BMA B . 8.73 20.94 0.45
O3 BMA B . 10.56 22.31 1.73
O4 BMA B . 8.91 23.19 4.00
O5 BMA B . 7.20 20.18 2.90
O6 BMA B . 5.29 20.83 4.56
C1 MAN B . 4.68 20.81 5.89
C2 MAN B . 4.60 19.41 6.52
C3 MAN B . 3.59 18.44 5.89
C4 MAN B . 2.32 19.15 5.36
C5 MAN B . 2.40 20.68 5.12
C6 MAN B . 1.05 21.40 5.38
O2 MAN B . 4.19 19.63 7.86
O3 MAN B . 3.18 17.38 6.79
O4 MAN B . 1.92 18.55 4.15
O5 MAN B . 3.37 21.32 5.95
O6 MAN B . 0.16 21.57 4.30
C1 MAN B . 4.23 16.53 7.37
C2 MAN B . 3.79 15.10 7.72
C3 MAN B . 2.66 15.11 8.76
C4 MAN B . 3.21 15.76 10.03
C5 MAN B . 3.99 17.07 9.74
C6 MAN B . 4.95 17.41 10.90
O2 MAN B . 4.85 14.36 8.33
O3 MAN B . 2.17 13.81 9.09
O4 MAN B . 2.10 15.95 10.88
O5 MAN B . 4.79 17.09 8.55
O6 MAN B . 5.89 18.42 10.55
C1 MAN B . 5.53 13.45 7.44
C2 MAN B . 6.33 12.38 8.21
C3 MAN B . 7.68 12.84 8.79
C4 MAN B . 8.35 13.99 8.03
C5 MAN B . 7.42 14.86 7.16
C6 MAN B . 8.19 15.57 6.05
O2 MAN B . 6.57 11.31 7.34
O3 MAN B . 8.62 11.80 8.76
O4 MAN B . 9.01 14.78 8.99
O5 MAN B . 6.39 14.12 6.54
O6 MAN B . 7.54 16.80 5.78
N12 7HR C . -11.29 6.63 12.28
C13 7HR C . -9.86 6.60 11.95
C17 7HR C . -14.14 6.01 10.04
C20 7HR C . -12.00 6.39 7.19
C21 7HR C . -12.05 6.24 5.80
C22 7HR C . -13.19 5.72 5.17
C24 7HR C . -14.29 5.35 5.94
C26 7HR C . -10.26 11.44 14.26
C28 7HR C . -8.98 12.74 12.68
C39 7HR C . -4.21 17.47 9.36
N38 7HR C . -5.63 17.71 9.63
C40 7HR C . -5.93 18.86 10.48
C37 7HR C . -5.97 16.55 10.49
C36 7HR C . -7.47 16.52 10.74
C35 7HR C . -7.73 15.23 11.48
S32 7HR C . -9.56 15.11 11.59
O33 7HR C . -10.15 16.34 12.27
O34 7HR C . -10.09 15.03 10.16
N29 7HR C . -10.09 13.67 12.51
C30 7HR C . -10.81 13.95 13.77
C31 7HR C . -11.35 12.56 14.34
C27 7HR C . -9.72 11.49 12.81
C08 7HR C . -10.77 10.16 14.63
C09 7HR C . -10.90 9.08 13.75
N10 7HR C . -11.39 7.86 14.24
C07 7HR C . -11.14 9.93 15.95
C06 7HR C . -11.62 8.68 16.37
C05 7HR C . -11.74 7.67 15.51
N04 7HR C . -12.17 6.43 15.67
C03 7HR C . -12.08 5.83 14.48
C02 7HR C . -12.51 4.38 14.27
C01 7HR C . -11.26 3.57 13.96
C11 7HR C . -11.61 6.73 13.57
C14 7HR C . -12.17 6.43 11.30
N15 7HR C . -11.93 6.40 9.98
S18 7HR C . -13.66 6.17 11.55
C16 7HR C . -13.06 6.17 9.28
C19 7HR C . -13.10 6.04 7.95
F23 7HR C . -13.22 5.58 3.85
C25 7HR C . -14.25 5.51 7.32
I IOD D . 0.22 -1.22 16.57
CL CL E . 5.65 14.25 12.94
S SCN F . -7.36 -10.53 -11.78
C SCN F . -8.04 -9.86 -12.96
N SCN F . -8.58 -9.36 -13.87
NI NI G . -12.73 -12.13 -8.23
P PO4 H . 36.99 9.84 -7.74
O1 PO4 H . 36.48 8.72 -8.63
O2 PO4 H . 35.85 10.67 -7.15
O3 PO4 H . 37.78 9.24 -6.59
O4 PO4 H . 37.86 10.71 -8.61
CL CL I . -19.12 -0.67 -18.35
K K J . 41.23 7.55 -4.95
ZN ZN K . -8.71 -6.23 14.94
ZN ZN L . -9.52 -3.18 11.76
ZN ZN M . 3.11 3.03 22.85
ZN ZN N . 16.13 9.94 0.45
NI NI O . 26.83 -17.80 -8.34
NI NI P . 14.20 -11.84 -26.17
NI NI Q . 0.92 -3.13 -19.85
NI NI R . 18.54 -2.33 28.43
NI NI S . 44.16 3.07 -16.13
NI NI T . 34.80 -10.07 -3.22
#